data_8CMF
#
_entry.id   8CMF
#
_cell.length_a   60.230
_cell.length_b   95.490
_cell.length_c   202.430
_cell.angle_alpha   90.000
_cell.angle_beta   90.000
_cell.angle_gamma   90.000
#
_symmetry.space_group_name_H-M   'P 21 21 21'
#
loop_
_entity.id
_entity.type
_entity.pdbx_description
1 polymer 'HLA class II histocompatibility antigen, DR alpha chain'
2 polymer 'Human leukocyte antigen DR beta chain allotype DR1 (DRB1*0101)'
3 polymer 'SARS-Cov-2 nsp3 epitope (orf1ab)1350-1364'
4 non-polymer 1,2-ETHANEDIOL
5 non-polymer 'SUCCINIC ACID'
6 water water
#
loop_
_entity_poly.entity_id
_entity_poly.type
_entity_poly.pdbx_seq_one_letter_code
_entity_poly.pdbx_strand_id
1 'polypeptide(L)'
;MIKEEHVIIQAEFYLNPDQSGEFMFDFDGDEIFHVDMAKKETVWRLEEFGRFASFEAQGALANIAVDKANLEIMTKRSNY
TPITNVPPEVTVLTNSPVELREPNVLICFIDKFTPPVVNVTWLRNGKPVTTGVSETVFLPREDHLFRKFHYLPFLPSTED
VYDCRVEHWGLDEPLLKHWEFDA
;
A,D
2 'polypeptide(L)'
;MGSMGDTRPRFLWQLKFECHFFNGTERVRLLERCIYNQEESVRFDSDVGEYRAVTELGRPDAEYWNSQKDLLEQRRAAVD
TYCRHNYGVGESFTVQRRVEPKVTVYPSKTQPLQHHNLLVCSVSGFYPGSIEVRWFRNGQEEKAGVVSTGLIQNGDWTFQ
TLVMLETVPRSGEVYTCQVEHPSVTSPLTVEWRA
;
B,E
3 'polypeptide(L)' KSAFYILPSIISNEK C,F
#
loop_
_chem_comp.id
_chem_comp.type
_chem_comp.name
_chem_comp.formula
EDO non-polymer 1,2-ETHANEDIOL 'C2 H6 O2'
SIN non-polymer 'SUCCINIC ACID' 'C4 H6 O4'
#
# COMPACT_ATOMS: atom_id res chain seq x y z
N LYS A 3 -16.67 16.33 2.80
CA LYS A 3 -16.98 17.62 3.40
C LYS A 3 -15.72 18.44 3.66
N GLU A 4 -14.58 17.77 3.81
CA GLU A 4 -13.34 18.46 4.12
C GLU A 4 -12.92 19.40 2.99
N GLU A 5 -12.32 20.52 3.37
CA GLU A 5 -11.68 21.42 2.42
C GLU A 5 -10.18 21.46 2.55
N HIS A 6 -9.64 21.50 3.77
CA HIS A 6 -8.21 21.62 3.97
C HIS A 6 -7.82 21.00 5.31
N VAL A 7 -6.55 20.63 5.42
CA VAL A 7 -5.97 20.04 6.63
C VAL A 7 -4.56 20.57 6.80
N ILE A 8 -4.28 21.15 7.96
CA ILE A 8 -2.91 21.49 8.36
C ILE A 8 -2.47 20.51 9.45
N ILE A 9 -1.29 19.92 9.27
CA ILE A 9 -0.76 18.94 10.22
C ILE A 9 0.59 19.44 10.72
N GLN A 10 0.72 19.58 12.05
CA GLN A 10 2.02 19.70 12.69
C GLN A 10 2.49 18.28 13.03
N ALA A 11 3.44 17.76 12.27
CA ALA A 11 3.87 16.37 12.40
C ALA A 11 5.29 16.30 12.96
N GLU A 12 5.45 15.54 14.02
CA GLU A 12 6.72 15.36 14.71
C GLU A 12 7.02 13.88 14.86
N PHE A 13 8.30 13.54 14.86
CA PHE A 13 8.65 12.19 15.26
C PHE A 13 10.05 12.17 15.86
N TYR A 14 10.29 11.14 16.67
CA TYR A 14 11.63 10.82 17.16
C TYR A 14 11.84 9.32 17.06
N LEU A 15 13.06 8.93 16.69
CA LEU A 15 13.40 7.53 16.40
C LEU A 15 14.70 7.13 17.09
N ASN A 16 14.65 6.02 17.85
CA ASN A 16 15.73 5.32 18.55
C ASN A 16 15.94 3.95 17.94
N PRO A 17 17.19 3.43 17.94
CA PRO A 17 18.36 4.06 18.56
C PRO A 17 19.07 5.02 17.63
N ASP A 18 18.44 5.32 16.49
CA ASP A 18 19.04 6.23 15.53
C ASP A 18 19.17 7.63 16.09
N GLN A 19 18.37 7.97 17.10
CA GLN A 19 18.33 9.31 17.68
C GLN A 19 18.12 10.36 16.61
N SER A 20 17.12 10.13 15.76
CA SER A 20 16.76 11.04 14.68
C SER A 20 15.41 11.69 14.96
N GLY A 21 15.33 13.01 14.85
CA GLY A 21 14.08 13.70 15.08
C GLY A 21 13.63 14.54 13.90
N GLU A 22 12.33 14.82 13.81
CA GLU A 22 11.82 15.64 12.72
C GLU A 22 10.60 16.43 13.17
N PHE A 23 10.49 17.65 12.66
CA PHE A 23 9.38 18.56 12.93
C PHE A 23 9.01 19.28 11.64
N MET A 24 7.75 19.15 11.22
CA MET A 24 7.34 19.75 9.95
C MET A 24 5.86 20.15 10.01
N PHE A 25 5.51 21.12 9.15
CA PHE A 25 4.12 21.50 8.92
C PHE A 25 3.68 21.09 7.52
N ASP A 26 2.48 20.52 7.43
CA ASP A 26 1.93 19.94 6.22
C ASP A 26 0.62 20.64 5.89
N PHE A 27 0.40 20.95 4.61
CA PHE A 27 -0.86 21.52 4.15
C PHE A 27 -1.39 20.68 3.00
N ASP A 28 -2.51 19.99 3.24
CA ASP A 28 -3.18 19.18 2.22
C ASP A 28 -2.19 18.23 1.54
N GLY A 29 -1.22 17.73 2.33
CA GLY A 29 -0.25 16.76 1.87
C GLY A 29 1.08 17.34 1.45
N ASP A 30 1.19 18.66 1.35
CA ASP A 30 2.42 19.31 0.92
C ASP A 30 3.09 20.00 2.09
N GLU A 31 4.43 19.95 2.10
CA GLU A 31 5.21 20.50 3.19
C GLU A 31 5.29 22.01 3.06
N ILE A 32 4.89 22.72 4.12
CA ILE A 32 5.10 24.16 4.20
C ILE A 32 6.55 24.44 4.58
N PHE A 33 7.01 23.81 5.65
CA PHE A 33 8.37 23.97 6.14
C PHE A 33 8.68 22.79 7.05
N HIS A 34 9.98 22.65 7.34
CA HIS A 34 10.44 21.77 8.40
C HIS A 34 11.53 22.49 9.16
N VAL A 35 11.93 21.92 10.28
CA VAL A 35 13.01 22.49 11.07
C VAL A 35 14.25 21.61 10.88
N ASP A 36 15.30 22.21 10.35
CA ASP A 36 16.62 21.59 10.29
C ASP A 36 17.13 21.43 11.71
N MET A 37 17.24 20.18 12.16
CA MET A 37 17.66 19.87 13.51
C MET A 37 19.09 20.32 13.79
N ALA A 38 20.00 20.08 12.84
CA ALA A 38 21.40 20.43 13.08
C ALA A 38 21.59 21.94 13.12
N LYS A 39 21.36 22.63 12.00
CA LYS A 39 21.50 24.09 12.00
C LYS A 39 20.45 24.77 12.90
N LYS A 40 19.48 24.03 13.41
CA LYS A 40 18.44 24.57 14.31
C LYS A 40 17.69 25.73 13.65
N GLU A 41 17.09 25.48 12.50
CA GLU A 41 16.49 26.62 11.81
C GLU A 41 15.39 26.16 10.86
N THR A 42 14.50 27.10 10.55
CA THR A 42 13.40 26.81 9.64
C THR A 42 13.88 26.71 8.19
N VAL A 43 13.47 25.64 7.50
CA VAL A 43 13.73 25.44 6.08
C VAL A 43 12.37 25.47 5.40
N TRP A 44 12.15 26.45 4.54
CA TRP A 44 10.88 26.59 3.85
C TRP A 44 10.87 25.73 2.59
N ARG A 45 9.77 25.01 2.38
CA ARG A 45 9.69 24.15 1.21
C ARG A 45 9.79 24.95 -0.07
N LEU A 46 9.13 26.10 -0.12
CA LEU A 46 9.28 27.04 -1.22
C LEU A 46 9.82 28.36 -0.69
N GLU A 47 10.63 29.03 -1.50
CA GLU A 47 11.26 30.27 -1.05
C GLU A 47 10.23 31.29 -0.57
N GLU A 48 9.25 31.60 -1.41
CA GLU A 48 8.27 32.64 -1.10
C GLU A 48 7.58 32.44 0.24
N PHE A 49 7.43 31.19 0.68
CA PHE A 49 6.84 30.96 1.99
C PHE A 49 7.56 31.76 3.07
N GLY A 50 8.89 31.67 3.08
CA GLY A 50 9.69 32.38 4.06
C GLY A 50 9.58 33.90 3.95
N ARG A 51 9.07 34.40 2.83
CA ARG A 51 8.83 35.84 2.71
C ARG A 51 7.46 36.24 3.24
N PHE A 52 6.50 35.32 3.20
CA PHE A 52 5.15 35.60 3.68
C PHE A 52 4.93 35.20 5.14
N ALA A 53 5.76 34.30 5.67
CA ALA A 53 5.56 33.78 7.01
C ALA A 53 6.90 33.59 7.68
N SER A 54 6.87 33.36 8.99
CA SER A 54 8.06 33.11 9.79
C SER A 54 7.76 32.00 10.78
N PHE A 55 8.81 31.51 11.44
CA PHE A 55 8.61 30.47 12.44
C PHE A 55 9.81 30.36 13.38
N GLU A 56 9.54 30.38 14.69
CA GLU A 56 10.55 30.27 15.74
C GLU A 56 10.93 28.81 15.98
N ALA A 57 12.16 28.44 15.62
CA ALA A 57 12.59 27.05 15.70
C ALA A 57 12.73 26.55 17.14
N GLN A 58 13.18 27.42 18.06
CA GLN A 58 13.34 27.04 19.47
C GLN A 58 12.19 26.18 19.99
N GLY A 59 10.94 26.62 19.74
CA GLY A 59 9.79 25.85 20.17
C GLY A 59 9.76 24.44 19.57
N ALA A 60 10.09 24.33 18.29
CA ALA A 60 10.12 23.00 17.66
C ALA A 60 11.16 22.11 18.31
N LEU A 61 12.34 22.67 18.63
CA LEU A 61 13.35 21.85 19.30
C LEU A 61 12.88 21.41 20.70
N ALA A 62 12.20 22.30 21.43
CA ALA A 62 11.67 21.91 22.74
C ALA A 62 10.65 20.77 22.61
N ASN A 63 9.76 20.88 21.62
CA ASN A 63 8.83 19.78 21.36
C ASN A 63 9.57 18.48 21.04
N ILE A 64 10.66 18.56 20.27
CA ILE A 64 11.40 17.35 19.91
C ILE A 64 11.99 16.70 21.15
N ALA A 65 12.50 17.52 22.09
CA ALA A 65 13.06 16.97 23.32
C ALA A 65 11.99 16.22 24.12
N VAL A 66 10.81 16.82 24.23
CA VAL A 66 9.71 16.12 24.92
C VAL A 66 9.38 14.81 24.19
N ASP A 67 9.41 14.84 22.86
CA ASP A 67 9.10 13.63 22.09
C ASP A 67 10.11 12.53 22.35
N LYS A 68 11.39 12.88 22.47
CA LYS A 68 12.41 11.88 22.77
C LYS A 68 12.15 11.25 24.13
N ALA A 69 11.86 12.09 25.13
CA ALA A 69 11.52 11.57 26.45
C ALA A 69 10.33 10.61 26.39
N ASN A 70 9.30 10.98 25.63
CA ASN A 70 8.11 10.15 25.50
C ASN A 70 8.41 8.85 24.76
N LEU A 71 9.26 8.89 23.72
CA LEU A 71 9.64 7.66 23.05
C LEU A 71 10.30 6.70 24.02
N GLU A 72 11.17 7.22 24.89
CA GLU A 72 11.82 6.32 25.83
C GLU A 72 10.82 5.74 26.84
N ILE A 73 9.90 6.58 27.33
CA ILE A 73 8.86 6.09 28.23
C ILE A 73 8.01 5.02 27.56
N MET A 74 7.62 5.25 26.30
CA MET A 74 6.72 4.32 25.61
C MET A 74 7.46 3.04 25.24
N THR A 75 8.74 3.15 24.89
CA THR A 75 9.55 1.97 24.65
C THR A 75 9.53 1.06 25.87
N LYS A 76 9.82 1.62 27.05
CA LYS A 76 9.72 0.81 28.26
C LYS A 76 8.31 0.26 28.45
N ARG A 77 7.29 1.11 28.27
CA ARG A 77 5.91 0.70 28.59
C ARG A 77 5.42 -0.43 27.69
N SER A 78 5.85 -0.48 26.43
CA SER A 78 5.39 -1.51 25.50
C SER A 78 6.10 -2.84 25.66
N ASN A 79 6.97 -2.99 26.66
CA ASN A 79 7.80 -4.18 26.83
C ASN A 79 8.81 -4.29 25.69
N TYR A 80 9.31 -3.13 25.25
CA TYR A 80 10.34 -3.05 24.22
C TYR A 80 9.88 -3.68 22.91
N THR A 81 8.67 -3.33 22.50
CA THR A 81 8.14 -3.81 21.24
C THR A 81 8.74 -3.02 20.08
N PRO A 82 9.50 -3.64 19.18
CA PRO A 82 10.08 -2.91 18.06
C PRO A 82 9.04 -2.67 16.97
N ILE A 83 9.36 -1.72 16.10
CA ILE A 83 8.53 -1.44 14.95
C ILE A 83 8.72 -2.55 13.92
N THR A 84 7.65 -2.89 13.22
CA THR A 84 7.78 -3.82 12.10
C THR A 84 8.17 -3.04 10.85
N ASN A 85 9.25 -3.45 10.20
CA ASN A 85 9.70 -2.77 8.98
C ASN A 85 8.62 -2.88 7.90
N VAL A 86 8.35 -1.76 7.24
CA VAL A 86 7.45 -1.75 6.09
C VAL A 86 8.24 -1.24 4.89
N PRO A 87 8.55 -2.10 3.90
CA PRO A 87 9.36 -1.65 2.78
C PRO A 87 8.63 -0.63 1.92
N PRO A 88 9.36 0.26 1.26
CA PRO A 88 8.71 1.28 0.46
C PRO A 88 8.27 0.76 -0.91
N GLU A 89 7.20 1.38 -1.42
CA GLU A 89 6.87 1.34 -2.82
C GLU A 89 7.61 2.48 -3.50
N VAL A 90 8.26 2.20 -4.61
CA VAL A 90 9.08 3.17 -5.32
C VAL A 90 8.53 3.32 -6.72
N THR A 91 8.38 4.55 -7.17
CA THR A 91 7.95 4.83 -8.53
CA THR A 91 7.96 4.83 -8.54
C THR A 91 8.83 5.94 -9.09
N VAL A 92 9.05 5.93 -10.40
CA VAL A 92 9.85 6.98 -11.03
C VAL A 92 9.04 7.53 -12.21
N LEU A 93 8.80 8.83 -12.19
CA LEU A 93 8.01 9.49 -13.21
C LEU A 93 8.74 10.75 -13.66
N THR A 94 8.27 11.35 -14.74
CA THR A 94 8.73 12.68 -15.12
C THR A 94 7.65 13.67 -14.69
N ASN A 95 8.08 14.88 -14.34
CA ASN A 95 7.08 15.90 -14.00
C ASN A 95 6.28 16.34 -15.23
N SER A 96 6.88 16.30 -16.41
CA SER A 96 6.22 16.70 -17.64
C SER A 96 6.55 15.69 -18.73
N PRO A 97 5.77 15.69 -19.82
CA PRO A 97 6.07 14.78 -20.94
C PRO A 97 7.49 15.01 -21.47
N VAL A 98 8.16 13.91 -21.78
CA VAL A 98 9.57 13.94 -22.16
C VAL A 98 9.70 14.41 -23.60
N GLU A 99 10.61 15.35 -23.83
CA GLU A 99 10.97 15.77 -25.18
C GLU A 99 12.48 15.88 -25.28
N LEU A 100 13.08 15.19 -26.26
CA LEU A 100 14.52 15.25 -26.44
C LEU A 100 14.98 16.69 -26.56
N ARG A 101 15.99 17.07 -25.77
CA ARG A 101 16.64 18.37 -25.69
C ARG A 101 15.86 19.36 -24.80
N GLU A 102 14.67 19.03 -24.31
CA GLU A 102 13.92 19.93 -23.43
C GLU A 102 14.12 19.52 -21.98
N PRO A 103 14.71 20.38 -21.14
CA PRO A 103 14.99 19.99 -19.76
C PRO A 103 13.76 19.47 -19.05
N ASN A 104 13.97 18.53 -18.13
CA ASN A 104 12.87 17.85 -17.48
C ASN A 104 13.38 17.40 -16.11
N VAL A 105 12.52 16.74 -15.34
CA VAL A 105 12.87 16.32 -13.99
C VAL A 105 12.29 14.94 -13.74
N LEU A 106 13.14 14.02 -13.30
CA LEU A 106 12.69 12.73 -12.79
C LEU A 106 12.34 12.87 -11.32
N ILE A 107 11.24 12.24 -10.94
CA ILE A 107 10.76 12.19 -9.56
C ILE A 107 10.80 10.74 -9.12
N CYS A 108 11.49 10.47 -8.03
CA CYS A 108 11.47 9.18 -7.35
C CYS A 108 10.53 9.34 -6.15
N PHE A 109 9.38 8.68 -6.23
CA PHE A 109 8.42 8.63 -5.13
C PHE A 109 8.75 7.42 -4.29
N ILE A 110 9.04 7.64 -3.01
CA ILE A 110 9.28 6.57 -2.06
C ILE A 110 8.14 6.64 -1.05
N ASP A 111 7.31 5.60 -1.01
CA ASP A 111 6.01 5.73 -0.39
C ASP A 111 5.73 4.56 0.56
N LYS A 112 4.95 4.84 1.59
CA LYS A 112 4.27 3.82 2.40
C LYS A 112 5.28 2.94 3.14
N PHE A 113 6.23 3.57 3.81
CA PHE A 113 7.29 2.82 4.47
C PHE A 113 7.49 3.31 5.89
N THR A 114 8.11 2.45 6.70
CA THR A 114 8.53 2.76 8.06
C THR A 114 9.51 1.68 8.53
N PRO A 115 10.51 2.04 9.36
CA PRO A 115 10.76 3.36 9.95
C PRO A 115 11.23 4.38 8.92
N PRO A 116 11.26 5.65 9.32
CA PRO A 116 11.68 6.71 8.39
C PRO A 116 13.20 6.83 8.29
N VAL A 117 13.82 5.81 7.69
CA VAL A 117 15.25 5.83 7.35
C VAL A 117 15.39 5.17 5.98
N VAL A 118 15.97 5.90 5.03
CA VAL A 118 16.21 5.35 3.69
C VAL A 118 17.52 5.89 3.14
N ASN A 119 18.12 5.09 2.24
CA ASN A 119 19.25 5.53 1.44
C ASN A 119 18.82 5.60 -0.01
N VAL A 120 18.93 6.77 -0.61
CA VAL A 120 18.40 7.00 -1.96
C VAL A 120 19.53 7.56 -2.80
N THR A 121 19.85 6.88 -3.89
CA THR A 121 20.88 7.33 -4.82
C THR A 121 20.33 7.31 -6.24
N TRP A 122 20.67 8.33 -7.02
CA TRP A 122 20.33 8.35 -8.43
C TRP A 122 21.47 7.75 -9.25
N LEU A 123 21.15 6.92 -10.23
CA LEU A 123 22.13 6.30 -11.10
C LEU A 123 21.81 6.62 -12.54
N ARG A 124 22.79 7.16 -13.27
CA ARG A 124 22.70 7.32 -14.72
C ARG A 124 23.72 6.39 -15.37
N ASN A 125 23.23 5.48 -16.22
CA ASN A 125 24.05 4.44 -16.86
C ASN A 125 24.87 3.69 -15.81
N GLY A 126 24.26 3.47 -14.63
CA GLY A 126 24.91 2.73 -13.57
C GLY A 126 25.78 3.55 -12.65
N LYS A 127 25.99 4.84 -12.92
CA LYS A 127 26.91 5.61 -12.08
C LYS A 127 26.14 6.60 -11.22
N PRO A 128 26.54 6.80 -9.97
CA PRO A 128 25.82 7.74 -9.10
C PRO A 128 25.89 9.16 -9.63
N VAL A 129 24.75 9.84 -9.58
CA VAL A 129 24.63 11.24 -9.99
C VAL A 129 24.19 12.03 -8.78
N THR A 130 24.90 13.13 -8.51
CA THR A 130 24.56 14.01 -7.41
C THR A 130 24.45 15.46 -7.85
N THR A 131 24.67 15.75 -9.13
CA THR A 131 24.64 17.12 -9.63
C THR A 131 23.20 17.58 -9.79
N GLY A 132 22.82 18.62 -9.05
CA GLY A 132 21.49 19.19 -9.14
C GLY A 132 20.41 18.39 -8.44
N VAL A 133 20.76 17.29 -7.76
CA VAL A 133 19.74 16.48 -7.10
C VAL A 133 19.25 17.20 -5.85
N SER A 134 18.09 16.75 -5.37
CA SER A 134 17.50 17.26 -4.14
C SER A 134 16.60 16.17 -3.58
N GLU A 135 16.08 16.44 -2.38
CA GLU A 135 15.18 15.51 -1.71
C GLU A 135 14.33 16.30 -0.73
N THR A 136 13.16 15.75 -0.41
CA THR A 136 12.34 16.25 0.68
C THR A 136 12.65 15.49 1.96
N VAL A 137 12.21 16.06 3.08
CA VAL A 137 12.27 15.34 4.35
C VAL A 137 11.16 14.29 4.32
N PHE A 138 11.01 13.54 5.41
CA PHE A 138 9.97 12.54 5.48
C PHE A 138 8.60 13.19 5.65
N LEU A 139 7.61 12.70 4.89
CA LEU A 139 6.30 13.35 5.00
C LEU A 139 5.30 12.41 5.65
N PRO A 140 4.40 12.90 6.49
CA PRO A 140 3.50 11.99 7.20
C PRO A 140 2.44 11.42 6.27
N ARG A 141 1.89 10.29 6.68
CA ARG A 141 0.78 9.66 6.01
C ARG A 141 -0.30 9.37 7.03
N GLU A 142 -1.54 9.26 6.55
CA GLU A 142 -2.66 8.98 7.44
C GLU A 142 -2.51 7.64 8.15
N ASP A 143 -1.91 6.66 7.49
CA ASP A 143 -1.67 5.37 8.11
C ASP A 143 -0.42 5.37 8.98
N HIS A 144 0.23 6.52 9.13
CA HIS A 144 1.37 6.75 10.01
C HIS A 144 2.66 6.16 9.44
N LEU A 145 2.63 5.69 8.19
CA LEU A 145 3.85 5.43 7.42
C LEU A 145 4.36 6.76 6.88
N PHE A 146 5.35 6.73 5.99
CA PHE A 146 5.98 7.96 5.53
C PHE A 146 6.11 7.93 4.01
N ARG A 147 6.28 9.11 3.42
CA ARG A 147 6.63 9.22 2.02
C ARG A 147 7.76 10.23 1.88
N LYS A 148 8.42 10.18 0.74
CA LYS A 148 9.62 10.95 0.48
C LYS A 148 9.70 11.12 -1.04
N PHE A 149 10.35 12.22 -1.46
CA PHE A 149 10.54 12.53 -2.87
C PHE A 149 12.00 12.81 -3.13
N HIS A 150 12.53 12.24 -4.21
CA HIS A 150 13.85 12.64 -4.72
C HIS A 150 13.70 13.17 -6.14
N TYR A 151 14.54 14.13 -6.48
CA TYR A 151 14.41 14.87 -7.72
C TYR A 151 15.71 14.87 -8.50
N LEU A 152 15.61 14.69 -9.81
CA LEU A 152 16.78 14.75 -10.67
C LEU A 152 16.49 15.56 -11.94
N PRO A 153 17.01 16.77 -12.07
CA PRO A 153 16.90 17.48 -13.35
C PRO A 153 17.77 16.82 -14.39
N PHE A 154 17.28 16.73 -15.63
CA PHE A 154 18.04 16.03 -16.66
C PHE A 154 17.64 16.50 -18.06
N LEU A 155 18.53 16.16 -19.01
CA LEU A 155 18.34 16.39 -20.43
C LEU A 155 17.96 15.08 -21.10
N PRO A 156 16.72 14.93 -21.57
CA PRO A 156 16.30 13.65 -22.16
C PRO A 156 17.16 13.27 -23.36
N SER A 157 17.48 11.98 -23.45
CA SER A 157 18.23 11.46 -24.59
C SER A 157 17.94 9.97 -24.75
N THR A 158 18.18 9.48 -25.97
CA THR A 158 18.02 8.06 -26.28
C THR A 158 19.17 7.21 -25.78
N GLU A 159 20.26 7.81 -25.31
CA GLU A 159 21.48 7.10 -24.97
C GLU A 159 21.63 6.80 -23.48
N ASP A 160 20.81 7.40 -22.63
CA ASP A 160 20.93 7.26 -21.19
C ASP A 160 19.78 6.45 -20.61
N VAL A 161 20.10 5.69 -19.56
CA VAL A 161 19.11 5.03 -18.71
C VAL A 161 19.29 5.57 -17.29
N TYR A 162 18.23 5.46 -16.49
CA TYR A 162 18.24 6.01 -15.13
C TYR A 162 17.66 4.99 -14.17
N ASP A 163 18.16 5.04 -12.94
CA ASP A 163 17.63 4.22 -11.85
C ASP A 163 17.58 5.04 -10.58
N CYS A 164 16.52 4.88 -9.82
CA CYS A 164 16.46 5.32 -8.44
C CYS A 164 16.74 4.10 -7.58
N ARG A 165 17.83 4.14 -6.81
CA ARG A 165 18.23 3.02 -5.96
C ARG A 165 17.92 3.35 -4.51
N VAL A 166 17.08 2.53 -3.89
CA VAL A 166 16.52 2.76 -2.57
C VAL A 166 16.93 1.59 -1.68
N GLU A 167 17.60 1.90 -0.57
CA GLU A 167 17.91 0.95 0.48
C GLU A 167 17.05 1.25 1.70
N HIS A 168 16.45 0.21 2.25
CA HIS A 168 15.61 0.33 3.43
C HIS A 168 15.63 -1.02 4.14
N TRP A 169 15.60 -0.98 5.47
CA TRP A 169 15.71 -2.21 6.24
C TRP A 169 14.58 -3.19 5.95
N GLY A 170 13.48 -2.72 5.37
CA GLY A 170 12.41 -3.65 5.04
C GLY A 170 12.64 -4.42 3.76
N LEU A 171 13.64 -4.04 2.98
CA LEU A 171 13.98 -4.73 1.75
C LEU A 171 15.22 -5.57 2.01
N ASP A 172 15.13 -6.87 1.81
CA ASP A 172 16.38 -7.62 1.94
C ASP A 172 17.34 -7.36 0.79
N GLU A 173 16.95 -6.57 -0.22
CA GLU A 173 17.83 -6.31 -1.34
C GLU A 173 17.58 -4.91 -1.86
N PRO A 174 18.62 -4.16 -2.21
CA PRO A 174 18.43 -2.80 -2.74
C PRO A 174 17.48 -2.79 -3.93
N LEU A 175 16.55 -1.84 -3.92
CA LEU A 175 15.54 -1.73 -4.96
C LEU A 175 15.97 -0.71 -6.01
N LEU A 176 15.99 -1.12 -7.26
CA LEU A 176 16.27 -0.23 -8.38
C LEU A 176 14.97 -0.04 -9.16
N LYS A 177 14.55 1.20 -9.30
CA LYS A 177 13.42 1.52 -10.17
C LYS A 177 13.97 2.23 -11.41
N HIS A 178 13.59 1.71 -12.58
CA HIS A 178 14.22 2.07 -13.83
C HIS A 178 13.37 3.06 -14.62
N TRP A 179 14.03 3.95 -15.35
CA TRP A 179 13.36 4.84 -16.27
C TRP A 179 14.25 5.13 -17.46
N GLU A 180 13.68 5.11 -18.65
CA GLU A 180 14.44 5.49 -19.84
C GLU A 180 13.50 6.10 -20.87
N PHE A 181 14.03 6.99 -21.68
CA PHE A 181 13.29 7.46 -22.85
C PHE A 181 13.40 6.38 -23.91
N ASP A 182 12.27 5.79 -24.27
CA ASP A 182 12.23 4.81 -25.36
C ASP A 182 11.36 5.37 -26.47
N ALA A 183 11.97 5.56 -27.64
CA ALA A 183 11.36 6.21 -28.80
C ALA A 183 9.88 5.87 -28.99
N ASP B 6 23.47 -3.38 10.17
CA ASP B 6 22.65 -2.78 11.22
C ASP B 6 21.24 -3.38 11.25
N THR B 7 21.01 -4.34 12.14
CA THR B 7 19.72 -4.99 12.30
C THR B 7 19.01 -4.67 13.62
N ARG B 8 19.63 -3.90 14.52
CA ARG B 8 19.07 -3.70 15.85
C ARG B 8 17.66 -3.10 15.77
N PRO B 9 16.80 -3.41 16.75
CA PRO B 9 15.39 -2.98 16.66
C PRO B 9 15.25 -1.47 16.70
N ARG B 10 14.19 -0.99 16.06
CA ARG B 10 13.84 0.41 16.06
C ARG B 10 12.54 0.63 16.82
N PHE B 11 12.43 1.80 17.44
CA PHE B 11 11.25 2.21 18.20
C PHE B 11 10.93 3.64 17.79
N LEU B 12 9.68 3.88 17.40
CA LEU B 12 9.27 5.13 16.79
C LEU B 12 8.15 5.79 17.61
N TRP B 13 8.24 7.11 17.76
CA TRP B 13 7.20 7.91 18.39
C TRP B 13 6.83 9.06 17.47
N GLN B 14 5.54 9.20 17.18
CA GLN B 14 5.03 10.27 16.34
C GLN B 14 3.97 11.05 17.09
N LEU B 15 4.01 12.37 16.93
CA LEU B 15 3.00 13.26 17.47
C LEU B 15 2.49 14.11 16.31
N LYS B 16 1.19 14.06 16.05
CA LYS B 16 0.57 14.82 14.97
C LYS B 16 -0.54 15.71 15.53
N PHE B 17 -0.53 16.99 15.17
CA PHE B 17 -1.65 17.88 15.43
C PHE B 17 -2.32 18.19 14.10
N GLU B 18 -3.55 17.74 13.91
CA GLU B 18 -4.27 17.92 12.65
C GLU B 18 -5.37 18.96 12.83
N CYS B 19 -5.30 20.05 12.09
CA CYS B 19 -6.37 21.04 12.06
C CYS B 19 -7.18 20.77 10.80
N HIS B 20 -8.44 20.35 10.98
CA HIS B 20 -9.34 20.11 9.87
C HIS B 20 -10.30 21.29 9.73
N PHE B 21 -10.40 21.82 8.51
CA PHE B 21 -11.18 23.03 8.23
C PHE B 21 -12.31 22.68 7.28
N PHE B 22 -13.53 23.04 7.66
CA PHE B 22 -14.72 22.81 6.85
C PHE B 22 -15.40 24.14 6.55
N ASN B 23 -15.66 24.37 5.26
CA ASN B 23 -16.29 25.59 4.75
C ASN B 23 -15.55 26.84 5.25
N GLY B 24 -14.34 26.99 4.73
CA GLY B 24 -13.45 28.03 5.20
C GLY B 24 -12.93 27.71 6.59
N THR B 25 -13.16 28.60 7.56
CA THR B 25 -12.87 28.31 8.96
C THR B 25 -14.14 28.19 9.77
N GLU B 26 -15.28 27.98 9.10
CA GLU B 26 -16.55 27.88 9.80
C GLU B 26 -16.53 26.74 10.81
N ARG B 27 -16.16 25.54 10.36
CA ARG B 27 -16.03 24.41 11.27
C ARG B 27 -14.57 24.01 11.35
N VAL B 28 -14.06 23.89 12.56
CA VAL B 28 -12.68 23.49 12.77
C VAL B 28 -12.66 22.34 13.77
N ARG B 29 -11.82 21.34 13.48
CA ARG B 29 -11.65 20.19 14.36
C ARG B 29 -10.16 20.00 14.57
N LEU B 30 -9.73 20.02 15.83
CA LEU B 30 -8.35 19.75 16.18
C LEU B 30 -8.25 18.30 16.63
N LEU B 31 -7.32 17.56 16.01
CA LEU B 31 -7.12 16.15 16.32
C LEU B 31 -5.65 15.97 16.67
N GLU B 32 -5.36 15.77 17.96
CA GLU B 32 -4.01 15.48 18.43
C GLU B 32 -3.84 13.97 18.57
N ARG B 33 -2.80 13.42 17.94
CA ARG B 33 -2.62 11.98 17.82
C ARG B 33 -1.21 11.58 18.22
N CYS B 34 -1.11 10.59 19.11
CA CYS B 34 0.15 9.97 19.48
C CYS B 34 0.22 8.57 18.88
N ILE B 35 1.37 8.24 18.30
CA ILE B 35 1.55 6.97 17.60
C ILE B 35 2.85 6.35 18.06
N TYR B 36 2.78 5.14 18.58
CA TYR B 36 3.96 4.36 18.90
C TYR B 36 4.15 3.33 17.79
N ASN B 37 5.32 3.36 17.15
CA ASN B 37 5.61 2.54 15.99
C ASN B 37 4.60 2.85 14.88
N GLN B 38 3.65 1.95 14.65
CA GLN B 38 2.58 2.19 13.69
C GLN B 38 1.20 2.14 14.34
N GLU B 39 1.13 2.25 15.66
CA GLU B 39 -0.09 2.06 16.42
C GLU B 39 -0.45 3.36 17.13
N GLU B 40 -1.60 3.94 16.77
CA GLU B 40 -2.07 5.14 17.47
C GLU B 40 -2.54 4.73 18.86
N SER B 41 -1.95 5.33 19.89
CA SER B 41 -2.21 4.94 21.27
C SER B 41 -3.22 5.86 21.98
N VAL B 42 -3.19 7.17 21.71
CA VAL B 42 -4.05 8.11 22.42
C VAL B 42 -4.29 9.32 21.52
N ARG B 43 -5.44 9.97 21.71
CA ARG B 43 -5.77 11.13 20.90
C ARG B 43 -6.65 12.09 21.69
N PHE B 44 -6.55 13.37 21.33
CA PHE B 44 -7.47 14.42 21.76
C PHE B 44 -8.25 14.86 20.54
N ASP B 45 -9.57 14.68 20.59
CA ASP B 45 -10.46 15.13 19.54
C ASP B 45 -11.27 16.30 20.10
N SER B 46 -11.12 17.49 19.49
CA SER B 46 -11.79 18.69 20.01
C SER B 46 -13.30 18.54 20.06
N ASP B 47 -13.88 17.65 19.25
CA ASP B 47 -15.31 17.40 19.33
C ASP B 47 -15.70 16.68 20.61
N VAL B 48 -14.75 15.97 21.24
CA VAL B 48 -15.02 15.29 22.51
C VAL B 48 -14.52 16.13 23.66
N GLY B 49 -13.41 16.86 23.44
CA GLY B 49 -12.92 17.79 24.43
C GLY B 49 -12.00 17.21 25.48
N GLU B 50 -11.59 15.95 25.33
CA GLU B 50 -10.64 15.34 26.25
C GLU B 50 -9.88 14.25 25.53
N TYR B 51 -8.82 13.77 26.18
CA TYR B 51 -8.04 12.68 25.63
C TYR B 51 -8.78 11.34 25.77
N ARG B 52 -8.49 10.44 24.84
CA ARG B 52 -9.10 9.13 24.80
C ARG B 52 -8.02 8.15 24.39
N ALA B 53 -7.93 7.03 25.10
CA ALA B 53 -6.98 5.99 24.74
C ALA B 53 -7.45 5.27 23.49
N VAL B 54 -6.62 5.26 22.45
CA VAL B 54 -6.99 4.53 21.23
C VAL B 54 -6.69 3.05 21.41
N THR B 55 -5.57 2.74 22.05
CA THR B 55 -5.25 1.38 22.47
C THR B 55 -4.95 1.42 23.96
N GLU B 56 -4.95 0.25 24.58
CA GLU B 56 -4.68 0.18 26.01
C GLU B 56 -3.30 0.72 26.35
N LEU B 57 -2.34 0.59 25.43
CA LEU B 57 -1.02 1.20 25.61
C LEU B 57 -1.12 2.68 25.95
N GLY B 58 -2.15 3.35 25.42
CA GLY B 58 -2.35 4.77 25.63
C GLY B 58 -3.20 5.12 26.84
N ARG B 59 -3.75 4.12 27.54
CA ARG B 59 -4.61 4.44 28.69
C ARG B 59 -3.89 5.23 29.78
N PRO B 60 -2.67 4.87 30.21
CA PRO B 60 -2.00 5.72 31.22
C PRO B 60 -1.88 7.18 30.81
N ASP B 61 -1.64 7.49 29.55
CA ASP B 61 -1.48 8.89 29.17
C ASP B 61 -2.82 9.61 29.15
N ALA B 62 -3.81 9.01 28.47
CA ALA B 62 -5.15 9.59 28.41
C ALA B 62 -5.73 9.86 29.79
N GLU B 63 -5.44 9.02 30.78
CA GLU B 63 -5.87 9.32 32.14
C GLU B 63 -5.07 10.48 32.72
N TYR B 64 -3.74 10.39 32.67
CA TYR B 64 -2.90 11.42 33.26
C TYR B 64 -3.23 12.79 32.68
N TRP B 65 -3.26 12.88 31.35
CA TRP B 65 -3.49 14.17 30.70
C TRP B 65 -4.90 14.67 30.97
N ASN B 66 -5.87 13.77 31.13
CA ASN B 66 -7.22 14.25 31.43
C ASN B 66 -7.33 14.82 32.84
N SER B 67 -6.41 14.47 33.73
CA SER B 67 -6.44 15.06 35.07
C SER B 67 -5.91 16.48 35.10
N GLN B 68 -5.31 16.97 34.02
CA GLN B 68 -4.71 18.31 33.98
C GLN B 68 -5.72 19.26 33.37
N LYS B 69 -6.42 20.02 34.22
CA LYS B 69 -7.51 20.85 33.73
C LYS B 69 -6.99 21.97 32.83
N ASP B 70 -5.84 22.56 33.17
CA ASP B 70 -5.31 23.66 32.38
C ASP B 70 -4.86 23.20 30.99
N LEU B 71 -4.30 21.99 30.91
CA LEU B 71 -3.98 21.42 29.61
C LEU B 71 -5.23 21.24 28.75
N LEU B 72 -6.29 20.68 29.35
CA LEU B 72 -7.54 20.48 28.60
C LEU B 72 -8.10 21.81 28.13
N GLU B 73 -8.04 22.84 28.97
CA GLU B 73 -8.53 24.15 28.56
C GLU B 73 -7.73 24.67 27.37
N GLN B 74 -6.39 24.65 27.47
CA GLN B 74 -5.57 25.15 26.39
C GLN B 74 -5.83 24.38 25.09
N ARG B 75 -6.07 23.08 25.19
CA ARG B 75 -6.36 22.29 23.99
C ARG B 75 -7.73 22.61 23.42
N ARG B 76 -8.72 22.79 24.29
CA ARG B 76 -10.07 23.11 23.84
C ARG B 76 -10.11 24.42 23.06
N ALA B 77 -9.31 25.40 23.50
CA ALA B 77 -9.25 26.71 22.85
C ALA B 77 -8.33 26.74 21.63
N ALA B 78 -7.63 25.64 21.36
CA ALA B 78 -6.63 25.65 20.30
C ALA B 78 -7.26 25.82 18.92
N VAL B 79 -8.51 25.38 18.73
CA VAL B 79 -9.16 25.58 17.45
C VAL B 79 -9.15 27.06 17.07
N ASP B 80 -9.11 27.97 18.06
CA ASP B 80 -9.06 29.41 17.79
C ASP B 80 -7.62 29.93 17.80
N THR B 81 -6.88 29.71 18.89
CA THR B 81 -5.55 30.28 19.02
C THR B 81 -4.53 29.62 18.10
N TYR B 82 -4.81 28.41 17.63
CA TYR B 82 -3.82 27.64 16.90
C TYR B 82 -4.28 27.33 15.48
N CYS B 83 -5.38 26.61 15.31
CA CYS B 83 -5.80 26.22 13.98
C CYS B 83 -6.21 27.44 13.15
N ARG B 84 -7.20 28.21 13.64
CA ARG B 84 -7.68 29.33 12.86
C ARG B 84 -6.58 30.37 12.65
N HIS B 85 -5.74 30.57 13.66
CA HIS B 85 -4.58 31.45 13.49
C HIS B 85 -3.71 31.00 12.32
N ASN B 86 -3.33 29.72 12.29
CA ASN B 86 -2.42 29.23 11.25
C ASN B 86 -3.08 29.27 9.87
N TYR B 87 -4.37 28.93 9.82
CA TYR B 87 -5.09 29.05 8.56
C TYR B 87 -4.99 30.47 8.02
N GLY B 88 -5.21 31.46 8.90
CA GLY B 88 -5.07 32.85 8.46
C GLY B 88 -3.66 33.20 8.04
N VAL B 89 -2.65 32.71 8.77
CA VAL B 89 -1.27 33.01 8.42
C VAL B 89 -0.93 32.47 7.03
N GLY B 90 -1.40 31.27 6.72
CA GLY B 90 -1.03 30.61 5.48
C GLY B 90 -2.01 30.70 4.33
N GLU B 91 -3.15 31.37 4.52
CA GLU B 91 -4.22 31.39 3.53
C GLU B 91 -3.75 31.85 2.16
N SER B 92 -3.05 32.98 2.11
CA SER B 92 -2.83 33.66 0.83
C SER B 92 -2.03 32.81 -0.14
N PHE B 93 -1.11 31.99 0.37
CA PHE B 93 -0.18 31.22 -0.46
C PHE B 93 -0.38 29.71 -0.34
N THR B 94 -1.45 29.25 0.32
CA THR B 94 -1.76 27.83 0.38
C THR B 94 -3.19 27.60 -0.11
N VAL B 95 -4.20 27.99 0.68
CA VAL B 95 -5.59 27.88 0.26
C VAL B 95 -5.83 28.60 -1.04
N GLN B 96 -5.10 29.69 -1.27
CA GLN B 96 -5.31 30.53 -2.45
C GLN B 96 -4.21 30.37 -3.48
N ARG B 97 -3.29 29.42 -3.29
CA ARG B 97 -2.32 29.11 -4.33
C ARG B 97 -3.03 28.62 -5.58
N ARG B 98 -2.66 29.18 -6.72
CA ARG B 98 -3.22 28.76 -8.00
C ARG B 98 -2.11 28.69 -9.03
N VAL B 99 -1.88 27.51 -9.59
CA VAL B 99 -0.94 27.35 -10.70
C VAL B 99 -1.66 26.62 -11.83
N GLU B 100 -1.61 27.20 -13.01
CA GLU B 100 -2.32 26.71 -14.19
C GLU B 100 -1.63 25.47 -14.77
N PRO B 101 -2.40 24.46 -15.18
CA PRO B 101 -1.78 23.24 -15.73
C PRO B 101 -1.32 23.42 -17.16
N LYS B 102 -0.19 22.76 -17.48
CA LYS B 102 0.23 22.56 -18.85
C LYS B 102 -0.40 21.28 -19.39
N VAL B 103 -1.02 21.37 -20.56
CA VAL B 103 -1.78 20.25 -21.14
C VAL B 103 -1.14 19.88 -22.47
N THR B 104 -0.87 18.59 -22.65
CA THR B 104 -0.43 18.05 -23.94
C THR B 104 -1.24 16.79 -24.24
N VAL B 105 -1.43 16.51 -25.52
CA VAL B 105 -2.12 15.29 -25.95
C VAL B 105 -1.24 14.57 -26.95
N TYR B 106 -1.04 13.28 -26.75
CA TYR B 106 -0.17 12.52 -27.65
C TYR B 106 -0.59 11.06 -27.72
N PRO B 107 -0.36 10.38 -28.84
CA PRO B 107 -0.58 8.93 -28.85
C PRO B 107 0.49 8.24 -28.04
N SER B 108 0.06 7.36 -27.13
CA SER B 108 1.03 6.63 -26.31
C SER B 108 1.96 5.79 -27.18
N LYS B 109 1.46 5.31 -28.33
CA LYS B 109 2.22 4.50 -29.26
C LYS B 109 2.10 5.08 -30.67
N THR B 110 3.19 4.97 -31.44
CA THR B 110 3.17 5.42 -32.84
C THR B 110 2.61 4.29 -33.69
N GLN B 111 1.28 4.22 -33.73
CA GLN B 111 0.63 3.15 -34.48
C GLN B 111 -0.16 3.75 -35.62
N PRO B 112 -0.14 3.13 -36.80
CA PRO B 112 -0.93 3.64 -37.91
C PRO B 112 -2.43 3.53 -37.61
N LEU B 113 -3.23 4.11 -38.50
CA LEU B 113 -4.65 4.20 -38.29
C LEU B 113 -5.32 2.82 -38.35
N GLN B 114 -6.55 2.76 -37.84
CA GLN B 114 -7.41 1.58 -37.82
C GLN B 114 -6.93 0.51 -36.83
N HIS B 115 -5.97 0.85 -35.96
CA HIS B 115 -5.42 -0.06 -34.95
CA HIS B 115 -5.48 -0.07 -34.95
C HIS B 115 -5.57 0.58 -33.57
N HIS B 116 -5.77 -0.25 -32.54
CA HIS B 116 -6.04 0.27 -31.21
C HIS B 116 -4.87 1.12 -30.72
N ASN B 117 -5.20 2.23 -30.08
CA ASN B 117 -4.20 3.13 -29.56
C ASN B 117 -4.70 3.75 -28.27
N LEU B 118 -3.76 4.14 -27.42
CA LEU B 118 -4.05 4.83 -26.18
C LEU B 118 -3.70 6.30 -26.35
N LEU B 119 -4.72 7.16 -26.37
CA LEU B 119 -4.49 8.60 -26.47
C LEU B 119 -4.31 9.17 -25.08
N VAL B 120 -3.22 9.88 -24.86
CA VAL B 120 -2.87 10.37 -23.52
C VAL B 120 -3.10 11.87 -23.46
N CYS B 121 -3.80 12.32 -22.42
CA CYS B 121 -3.90 13.73 -22.04
C CYS B 121 -3.07 13.90 -20.77
N SER B 122 -1.93 14.57 -20.93
CA SER B 122 -1.01 14.85 -19.82
C SER B 122 -1.29 16.26 -19.31
N VAL B 123 -1.65 16.34 -18.03
CA VAL B 123 -1.96 17.60 -17.35
C VAL B 123 -0.96 17.72 -16.22
N SER B 124 0.01 18.62 -16.36
CA SER B 124 1.13 18.69 -15.42
C SER B 124 1.27 20.07 -14.80
N GLY B 125 1.83 20.10 -13.59
CA GLY B 125 2.25 21.36 -12.99
C GLY B 125 1.17 22.22 -12.39
N PHE B 126 0.03 21.66 -12.00
CA PHE B 126 -1.10 22.46 -11.55
C PHE B 126 -1.28 22.40 -10.04
N TYR B 127 -2.00 23.40 -9.50
CA TYR B 127 -2.37 23.45 -8.08
C TYR B 127 -3.57 24.35 -7.91
N PRO B 128 -4.58 23.98 -7.09
CA PRO B 128 -4.66 22.77 -6.25
C PRO B 128 -4.98 21.50 -7.02
N GLY B 129 -5.26 20.41 -6.30
CA GLY B 129 -5.44 19.11 -6.92
C GLY B 129 -6.81 18.87 -7.54
N SER B 130 -7.80 19.71 -7.24
CA SER B 130 -9.13 19.57 -7.80
C SER B 130 -9.09 19.88 -9.30
N ILE B 131 -9.52 18.93 -10.12
CA ILE B 131 -9.40 19.06 -11.57
C ILE B 131 -10.38 18.10 -12.24
N GLU B 132 -10.86 18.47 -13.42
CA GLU B 132 -11.76 17.62 -14.18
C GLU B 132 -11.25 17.50 -15.61
N VAL B 133 -11.06 16.27 -16.08
CA VAL B 133 -10.56 16.03 -17.43
C VAL B 133 -11.61 15.22 -18.19
N ARG B 134 -11.94 15.67 -19.40
CA ARG B 134 -12.97 15.02 -20.20
C ARG B 134 -12.42 14.79 -21.60
N TRP B 135 -12.90 13.72 -22.24
CA TRP B 135 -12.50 13.37 -23.59
C TRP B 135 -13.66 13.52 -24.57
N PHE B 136 -13.36 14.05 -25.75
CA PHE B 136 -14.37 14.23 -26.78
C PHE B 136 -13.85 13.66 -28.09
N ARG B 137 -14.69 12.88 -28.78
CA ARG B 137 -14.39 12.39 -30.11
C ARG B 137 -15.35 13.06 -31.09
N ASN B 138 -14.81 13.94 -31.93
CA ASN B 138 -15.62 14.69 -32.89
C ASN B 138 -16.76 15.44 -32.20
N GLY B 139 -16.44 16.08 -31.08
CA GLY B 139 -17.38 16.85 -30.30
C GLY B 139 -18.24 16.08 -29.33
N GLN B 140 -18.24 14.75 -29.39
CA GLN B 140 -19.05 13.91 -28.50
C GLN B 140 -18.22 13.42 -27.31
N GLU B 141 -18.72 13.67 -26.10
CA GLU B 141 -18.02 13.20 -24.92
C GLU B 141 -17.99 11.68 -24.89
N GLU B 142 -16.81 11.13 -24.60
CA GLU B 142 -16.60 9.68 -24.52
C GLU B 142 -16.34 9.31 -23.06
N LYS B 143 -17.33 8.66 -22.43
CA LYS B 143 -17.18 8.26 -21.04
C LYS B 143 -16.57 6.87 -20.86
N ALA B 144 -16.59 6.04 -21.89
CA ALA B 144 -16.11 4.68 -21.76
C ALA B 144 -14.62 4.59 -22.12
N GLY B 145 -13.96 3.57 -21.56
CA GLY B 145 -12.58 3.29 -21.90
C GLY B 145 -11.59 4.35 -21.47
N VAL B 146 -11.85 5.05 -20.36
CA VAL B 146 -10.93 6.04 -19.80
C VAL B 146 -10.09 5.37 -18.72
N VAL B 147 -8.78 5.53 -18.82
CA VAL B 147 -7.82 4.86 -17.95
C VAL B 147 -6.91 5.95 -17.37
N SER B 148 -6.95 6.11 -16.05
CA SER B 148 -6.26 7.24 -15.45
C SER B 148 -5.33 6.82 -14.33
N THR B 149 -4.16 7.44 -14.30
CA THR B 149 -3.23 7.31 -13.18
C THR B 149 -3.80 7.90 -11.89
N GLY B 150 -4.87 8.68 -11.98
CA GLY B 150 -5.34 9.44 -10.84
C GLY B 150 -4.52 10.68 -10.61
N LEU B 151 -4.79 11.32 -9.47
CA LEU B 151 -4.08 12.53 -9.08
C LEU B 151 -2.70 12.16 -8.52
N ILE B 152 -1.66 12.81 -9.03
CA ILE B 152 -0.29 12.54 -8.61
C ILE B 152 0.27 13.80 -7.96
N GLN B 153 0.64 13.68 -6.68
CA GLN B 153 1.24 14.79 -5.95
C GLN B 153 2.75 14.72 -6.12
N ASN B 154 3.33 15.78 -6.70
CA ASN B 154 4.75 15.76 -7.02
C ASN B 154 5.65 16.07 -5.85
N GLY B 155 5.10 16.48 -4.70
CA GLY B 155 5.91 16.81 -3.54
C GLY B 155 6.47 18.20 -3.54
N ASP B 156 6.26 18.97 -4.60
CA ASP B 156 6.79 20.33 -4.70
C ASP B 156 5.67 21.33 -4.93
N TRP B 157 4.49 21.06 -4.35
CA TRP B 157 3.31 21.92 -4.46
C TRP B 157 2.80 22.02 -5.89
N THR B 158 3.00 20.95 -6.66
CA THR B 158 2.36 20.77 -7.96
C THR B 158 1.77 19.37 -8.01
N PHE B 159 0.78 19.21 -8.88
CA PHE B 159 0.17 17.93 -9.19
C PHE B 159 0.35 17.59 -10.67
N GLN B 160 0.13 16.33 -11.01
CA GLN B 160 0.00 15.95 -12.40
C GLN B 160 -0.99 14.81 -12.49
N THR B 161 -1.48 14.58 -13.70
CA THR B 161 -2.38 13.48 -13.96
C THR B 161 -2.29 13.11 -15.44
N LEU B 162 -2.42 11.81 -15.72
CA LEU B 162 -2.44 11.28 -17.08
C LEU B 162 -3.79 10.61 -17.28
N VAL B 163 -4.56 11.08 -18.24
CA VAL B 163 -5.88 10.53 -18.52
C VAL B 163 -5.87 10.00 -19.94
N MET B 164 -6.01 8.68 -20.09
CA MET B 164 -5.87 8.02 -21.36
C MET B 164 -7.22 7.53 -21.87
N LEU B 165 -7.36 7.54 -23.19
CA LEU B 165 -8.57 7.12 -23.88
C LEU B 165 -8.24 5.98 -24.83
N GLU B 166 -9.02 4.92 -24.74
CA GLU B 166 -8.88 3.79 -25.65
C GLU B 166 -9.55 4.18 -26.96
N THR B 167 -8.80 4.13 -28.06
CA THR B 167 -9.32 4.57 -29.34
C THR B 167 -8.95 3.56 -30.41
N VAL B 168 -9.75 3.57 -31.48
CA VAL B 168 -9.35 3.00 -32.76
C VAL B 168 -9.40 4.15 -33.76
N PRO B 169 -8.34 4.95 -33.88
CA PRO B 169 -8.40 6.17 -34.69
C PRO B 169 -8.56 5.85 -36.17
N ARG B 170 -9.59 6.44 -36.77
CA ARG B 170 -9.78 6.43 -38.22
C ARG B 170 -9.51 7.82 -38.76
N SER B 171 -9.23 7.89 -40.07
CA SER B 171 -8.79 9.14 -40.67
C SER B 171 -9.89 10.19 -40.61
N GLY B 172 -9.49 11.43 -40.34
CA GLY B 172 -10.41 12.53 -40.20
C GLY B 172 -10.89 12.80 -38.78
N GLU B 173 -10.84 11.81 -37.89
CA GLU B 173 -11.36 12.02 -36.54
C GLU B 173 -10.52 13.03 -35.77
N VAL B 174 -11.18 13.79 -34.91
CA VAL B 174 -10.55 14.81 -34.08
C VAL B 174 -10.91 14.55 -32.63
N TYR B 175 -9.90 14.25 -31.81
CA TYR B 175 -10.08 14.02 -30.38
C TYR B 175 -9.64 15.26 -29.63
N THR B 176 -10.39 15.62 -28.59
CA THR B 176 -10.09 16.80 -27.80
C THR B 176 -10.13 16.47 -26.31
N CYS B 177 -9.12 16.92 -25.60
CA CYS B 177 -9.05 16.81 -24.15
C CYS B 177 -9.41 18.17 -23.54
N GLN B 178 -10.40 18.16 -22.63
CA GLN B 178 -10.93 19.38 -22.01
C GLN B 178 -10.67 19.33 -20.51
N VAL B 179 -9.94 20.33 -20.01
CA VAL B 179 -9.50 20.39 -18.62
C VAL B 179 -10.18 21.58 -17.95
N GLU B 180 -10.81 21.33 -16.79
CA GLU B 180 -11.35 22.37 -15.93
C GLU B 180 -10.59 22.36 -14.62
N HIS B 181 -10.19 23.56 -14.17
CA HIS B 181 -9.35 23.73 -13.02
C HIS B 181 -9.67 25.09 -12.43
N PRO B 182 -9.64 25.24 -11.11
CA PRO B 182 -9.97 26.54 -10.51
C PRO B 182 -9.02 27.65 -10.93
N SER B 183 -7.85 27.32 -11.50
CA SER B 183 -6.92 28.36 -11.95
C SER B 183 -7.32 28.99 -13.27
N VAL B 184 -8.31 28.47 -13.98
CA VAL B 184 -8.71 29.01 -15.28
C VAL B 184 -10.20 29.31 -15.25
N THR B 185 -10.57 30.44 -15.85
CA THR B 185 -11.99 30.78 -15.93
C THR B 185 -12.68 30.04 -17.07
N SER B 186 -11.96 29.73 -18.15
CA SER B 186 -12.47 28.97 -19.28
C SER B 186 -11.74 27.64 -19.39
N PRO B 187 -12.44 26.54 -19.66
CA PRO B 187 -11.77 25.24 -19.76
C PRO B 187 -10.70 25.26 -20.84
N LEU B 188 -9.56 24.65 -20.53
CA LEU B 188 -8.49 24.48 -21.51
C LEU B 188 -8.82 23.31 -22.41
N THR B 189 -8.57 23.45 -23.72
CA THR B 189 -8.84 22.38 -24.67
C THR B 189 -7.62 22.17 -25.56
N VAL B 190 -7.29 20.89 -25.81
CA VAL B 190 -6.20 20.51 -26.68
C VAL B 190 -6.67 19.43 -27.65
N GLU B 191 -6.31 19.56 -28.93
CA GLU B 191 -6.75 18.65 -29.96
C GLU B 191 -5.63 17.73 -30.43
N TRP B 192 -6.04 16.55 -30.90
CA TRP B 192 -5.20 15.61 -31.62
C TRP B 192 -6.01 15.14 -32.81
N ARG B 193 -5.49 15.32 -34.01
CA ARG B 193 -6.20 14.98 -35.22
C ARG B 193 -5.63 13.68 -35.76
N ALA B 194 -6.52 12.72 -36.03
CA ALA B 194 -6.12 11.41 -36.54
C ALA B 194 -5.55 11.52 -37.95
N LYS C 1 4.37 39.77 7.38
CA LYS C 1 4.96 38.47 7.67
C LYS C 1 4.46 37.99 9.04
N SER C 2 3.28 37.40 9.06
CA SER C 2 2.73 36.77 10.25
C SER C 2 3.46 35.47 10.55
N ALA C 3 3.31 35.00 11.79
CA ALA C 3 4.07 33.86 12.28
C ALA C 3 3.15 32.67 12.54
N PHE C 4 3.56 31.48 12.06
CA PHE C 4 2.92 30.23 12.43
C PHE C 4 3.15 29.92 13.90
N TYR C 5 2.15 29.36 14.55
CA TYR C 5 2.18 29.00 15.96
C TYR C 5 2.21 27.48 16.10
N ILE C 6 2.82 27.00 17.18
CA ILE C 6 2.88 25.57 17.47
C ILE C 6 2.09 25.26 18.73
N LEU C 7 1.60 24.03 18.80
CA LEU C 7 1.10 23.43 20.02
C LEU C 7 2.25 22.73 20.74
N PRO C 8 2.41 22.89 22.05
CA PRO C 8 3.52 22.23 22.75
C PRO C 8 3.23 20.76 22.99
N SER C 9 4.25 19.93 22.82
CA SER C 9 4.14 18.53 23.23
C SER C 9 4.27 18.44 24.75
N ILE C 10 3.66 17.39 25.31
CA ILE C 10 3.49 17.24 26.75
C ILE C 10 4.04 15.88 27.17
N ILE C 11 4.70 15.85 28.33
CA ILE C 11 5.29 14.62 28.84
C ILE C 11 4.18 13.60 29.13
N SER C 12 4.52 12.31 28.99
CA SER C 12 3.59 11.21 29.19
C SER C 12 3.57 10.79 30.66
N ASN C 13 2.61 9.92 30.98
CA ASN C 13 2.56 9.37 32.33
C ASN C 13 3.81 8.52 32.53
N GLU C 14 4.76 9.05 33.31
CA GLU C 14 6.00 8.32 33.56
C GLU C 14 5.76 7.19 34.53
N LYS C 15 4.78 7.34 35.41
CA LYS C 15 4.43 6.32 36.39
C LYS C 15 3.52 5.27 35.76
N LYS D 3 12.34 -14.87 11.37
CA LYS D 3 12.82 -16.13 11.92
C LYS D 3 11.84 -17.28 11.67
N GLU D 4 10.56 -16.92 11.54
CA GLU D 4 9.53 -17.93 11.31
C GLU D 4 9.67 -18.55 9.93
N GLU D 5 9.22 -19.79 9.82
CA GLU D 5 9.19 -20.49 8.56
C GLU D 5 7.81 -20.49 7.92
N HIS D 6 6.75 -20.69 8.71
CA HIS D 6 5.44 -20.79 8.11
C HIS D 6 4.39 -20.27 9.08
N VAL D 7 3.24 -19.90 8.52
CA VAL D 7 2.10 -19.43 9.28
C VAL D 7 0.85 -20.02 8.67
N ILE D 8 0.03 -20.67 9.49
CA ILE D 8 -1.31 -21.07 9.10
C ILE D 8 -2.30 -20.16 9.82
N ILE D 9 -3.23 -19.58 9.07
CA ILE D 9 -4.23 -18.69 9.65
C ILE D 9 -5.61 -19.25 9.35
N GLN D 10 -6.39 -19.50 10.39
CA GLN D 10 -7.82 -19.71 10.24
C GLN D 10 -8.50 -18.34 10.33
N ALA D 11 -8.96 -17.83 9.18
CA ALA D 11 -9.52 -16.49 9.10
C ALA D 11 -11.00 -16.58 8.82
N GLU D 12 -11.78 -15.85 9.64
CA GLU D 12 -13.22 -15.79 9.54
C GLU D 12 -13.65 -14.33 9.55
N PHE D 13 -14.78 -14.03 8.90
CA PHE D 13 -15.37 -12.71 9.09
C PHE D 13 -16.87 -12.78 8.89
N TYR D 14 -17.57 -11.78 9.45
CA TYR D 14 -18.98 -11.59 9.16
C TYR D 14 -19.22 -10.09 8.94
N LEU D 15 -20.07 -9.77 7.97
CA LEU D 15 -20.27 -8.37 7.58
C LEU D 15 -21.77 -8.10 7.48
N ASN D 16 -22.20 -7.02 8.17
CA ASN D 16 -23.52 -6.43 8.19
C ASN D 16 -23.51 -5.06 7.53
N PRO D 17 -24.60 -4.67 6.85
CA PRO D 17 -25.83 -5.46 6.77
C PRO D 17 -25.83 -6.43 5.59
N ASP D 18 -24.67 -6.59 4.94
CA ASP D 18 -24.60 -7.51 3.81
C ASP D 18 -24.87 -8.94 4.21
N GLN D 19 -24.66 -9.28 5.48
CA GLN D 19 -24.82 -10.64 5.97
C GLN D 19 -23.95 -11.60 5.14
N SER D 20 -22.71 -11.21 4.93
CA SER D 20 -21.78 -12.04 4.19
C SER D 20 -20.74 -12.56 5.17
N GLY D 21 -20.56 -13.88 5.17
CA GLY D 21 -19.63 -14.48 6.09
C GLY D 21 -18.59 -15.25 5.30
N GLU D 22 -17.44 -15.48 5.92
CA GLU D 22 -16.37 -16.21 5.27
C GLU D 22 -15.56 -16.99 6.29
N PHE D 23 -15.11 -18.17 5.87
CA PHE D 23 -14.27 -19.05 6.66
C PHE D 23 -13.25 -19.66 5.72
N MET D 24 -11.97 -19.45 6.01
CA MET D 24 -10.95 -19.93 5.11
C MET D 24 -9.69 -20.24 5.92
N PHE D 25 -8.87 -21.11 5.35
CA PHE D 25 -7.53 -21.38 5.87
C PHE D 25 -6.51 -20.81 4.91
N ASP D 26 -5.49 -20.17 5.47
CA ASP D 26 -4.45 -19.49 4.72
C ASP D 26 -3.11 -20.08 5.10
N PHE D 27 -2.24 -20.34 4.12
CA PHE D 27 -0.89 -20.83 4.40
C PHE D 27 0.10 -19.93 3.70
N ASP D 28 0.89 -19.17 4.48
CA ASP D 28 1.92 -18.29 3.92
C ASP D 28 1.33 -17.39 2.83
N GLY D 29 0.10 -16.94 3.00
CA GLY D 29 -0.50 -16.02 2.06
C GLY D 29 -1.38 -16.65 1.00
N ASP D 30 -1.42 -17.97 0.90
CA ASP D 30 -2.24 -18.66 -0.08
C ASP D 30 -3.38 -19.39 0.63
N GLU D 31 -4.53 -19.44 -0.04
CA GLU D 31 -5.70 -20.10 0.51
C GLU D 31 -5.58 -21.61 0.35
N ILE D 32 -5.73 -22.35 1.46
CA ILE D 32 -5.83 -23.81 1.37
C ILE D 32 -7.25 -24.20 0.95
N PHE D 33 -8.24 -23.63 1.62
CA PHE D 33 -9.64 -23.90 1.31
C PHE D 33 -10.48 -22.79 1.93
N HIS D 34 -11.74 -22.73 1.51
CA HIS D 34 -12.75 -21.93 2.18
C HIS D 34 -14.02 -22.75 2.25
N VAL D 35 -15.00 -22.26 3.00
CA VAL D 35 -16.29 -22.92 3.07
C VAL D 35 -17.29 -22.10 2.28
N ASP D 36 -17.86 -22.72 1.24
CA ASP D 36 -18.96 -22.11 0.52
C ASP D 36 -20.17 -22.09 1.45
N MET D 37 -20.56 -20.87 1.82
CA MET D 37 -21.64 -20.64 2.77
C MET D 37 -22.98 -21.10 2.18
N ALA D 38 -23.23 -20.79 0.91
CA ALA D 38 -24.47 -21.20 0.26
C ALA D 38 -24.49 -22.71 0.03
N LYS D 39 -23.54 -23.20 -0.75
CA LYS D 39 -23.42 -24.64 -0.97
C LYS D 39 -23.11 -25.40 0.32
N LYS D 40 -22.68 -24.71 1.37
CA LYS D 40 -22.37 -25.29 2.68
C LYS D 40 -21.39 -26.46 2.53
N GLU D 41 -20.23 -26.16 1.95
CA GLU D 41 -19.30 -27.26 1.68
C GLU D 41 -17.87 -26.73 1.61
N THR D 42 -16.93 -27.63 1.84
CA THR D 42 -15.52 -27.26 1.71
C THR D 42 -15.16 -27.13 0.24
N VAL D 43 -14.51 -26.02 -0.13
CA VAL D 43 -13.98 -25.80 -1.47
C VAL D 43 -12.47 -25.67 -1.35
N TRP D 44 -11.75 -26.62 -1.97
CA TRP D 44 -10.29 -26.65 -1.93
C TRP D 44 -9.75 -25.69 -2.96
N ARG D 45 -8.72 -24.92 -2.57
CA ARG D 45 -8.16 -23.96 -3.52
C ARG D 45 -7.63 -24.67 -4.75
N LEU D 46 -6.92 -25.79 -4.56
CA LEU D 46 -6.54 -26.67 -5.67
C LEU D 46 -7.18 -28.03 -5.45
N GLU D 47 -7.67 -28.64 -6.52
CA GLU D 47 -8.39 -29.90 -6.41
C GLU D 47 -7.59 -30.96 -5.65
N GLU D 48 -6.32 -31.12 -6.02
CA GLU D 48 -5.48 -32.15 -5.38
C GLU D 48 -5.49 -32.05 -3.85
N PHE D 49 -5.65 -30.84 -3.29
CA PHE D 49 -5.70 -30.71 -1.83
C PHE D 49 -6.72 -31.67 -1.23
N GLY D 50 -7.92 -31.75 -1.83
CA GLY D 50 -8.97 -32.59 -1.30
C GLY D 50 -8.63 -34.07 -1.25
N ARG D 51 -7.57 -34.51 -1.92
CA ARG D 51 -7.16 -35.90 -1.85
CA ARG D 51 -7.18 -35.90 -1.85
C ARG D 51 -6.23 -36.18 -0.68
N PHE D 52 -5.60 -35.15 -0.11
CA PHE D 52 -4.70 -35.34 1.02
C PHE D 52 -5.36 -35.02 2.35
N ALA D 53 -6.42 -34.24 2.34
CA ALA D 53 -7.00 -33.75 3.58
C ALA D 53 -8.51 -33.68 3.43
N SER D 54 -9.18 -33.50 4.56
CA SER D 54 -10.61 -33.34 4.60
C SER D 54 -10.92 -32.22 5.58
N PHE D 55 -12.17 -31.78 5.58
CA PHE D 55 -12.58 -30.76 6.54
C PHE D 55 -14.10 -30.74 6.65
N GLU D 56 -14.60 -30.85 7.88
CA GLU D 56 -16.04 -30.86 8.12
C GLU D 56 -16.53 -29.41 8.15
N ALA D 57 -17.27 -29.01 7.12
CA ALA D 57 -17.65 -27.61 6.98
C ALA D 57 -18.60 -27.15 8.07
N GLN D 58 -19.36 -28.07 8.67
CA GLN D 58 -20.33 -27.68 9.69
C GLN D 58 -19.67 -26.95 10.85
N GLY D 59 -18.45 -27.35 11.22
CA GLY D 59 -17.73 -26.58 12.22
C GLY D 59 -17.56 -25.13 11.82
N ALA D 60 -17.23 -24.90 10.55
CA ALA D 60 -17.10 -23.53 10.05
C ALA D 60 -18.42 -22.79 10.12
N LEU D 61 -19.53 -23.46 9.77
CA LEU D 61 -20.82 -22.77 9.82
C LEU D 61 -21.17 -22.37 11.27
N ALA D 62 -20.93 -23.26 12.23
CA ALA D 62 -21.16 -22.89 13.63
C ALA D 62 -20.28 -21.72 14.04
N ASN D 63 -19.00 -21.75 13.65
CA ASN D 63 -18.12 -20.61 13.93
C ASN D 63 -18.70 -19.33 13.34
N ILE D 64 -19.22 -19.38 12.12
CA ILE D 64 -19.74 -18.18 11.48
C ILE D 64 -20.94 -17.64 12.25
N ALA D 65 -21.81 -18.51 12.72
CA ALA D 65 -22.97 -18.05 13.50
C ALA D 65 -22.52 -17.34 14.78
N VAL D 66 -21.53 -17.91 15.47
CA VAL D 66 -21.00 -17.22 16.64
C VAL D 66 -20.42 -15.87 16.24
N ASP D 67 -19.73 -15.82 15.09
CA ASP D 67 -19.13 -14.58 14.63
C ASP D 67 -20.19 -13.52 14.38
N LYS D 68 -21.31 -13.92 13.80
CA LYS D 68 -22.39 -13.00 13.54
C LYS D 68 -22.94 -12.43 14.84
N ALA D 69 -23.21 -13.30 15.82
CA ALA D 69 -23.65 -12.81 17.13
C ALA D 69 -22.63 -11.84 17.72
N ASN D 70 -21.34 -12.15 17.60
CA ASN D 70 -20.34 -11.26 18.13
C ASN D 70 -20.31 -9.93 17.40
N LEU D 71 -20.49 -9.95 16.07
CA LEU D 71 -20.56 -8.70 15.34
C LEU D 71 -21.70 -7.84 15.88
N GLU D 72 -22.87 -8.43 16.12
CA GLU D 72 -23.98 -7.60 16.58
C GLU D 72 -23.70 -7.04 17.97
N ILE D 73 -23.14 -7.86 18.86
CA ILE D 73 -22.73 -7.39 20.18
C ILE D 73 -21.73 -6.25 20.07
N MET D 74 -20.78 -6.37 19.16
CA MET D 74 -19.68 -5.41 19.03
C MET D 74 -20.17 -4.12 18.37
N THR D 75 -21.10 -4.25 17.43
CA THR D 75 -21.76 -3.08 16.86
C THR D 75 -22.44 -2.27 17.95
N LYS D 76 -23.26 -2.93 18.77
CA LYS D 76 -23.90 -2.21 19.87
C LYS D 76 -22.87 -1.62 20.81
N ARG D 77 -21.87 -2.42 21.20
CA ARG D 77 -20.88 -1.95 22.17
C ARG D 77 -20.15 -0.72 21.68
N SER D 78 -19.88 -0.65 20.36
CA SER D 78 -19.17 0.47 19.76
C SER D 78 -20.07 1.68 19.52
N ASN D 79 -21.34 1.59 19.89
CA ASN D 79 -22.32 2.64 19.59
C ASN D 79 -22.51 2.78 18.09
N TYR D 80 -22.50 1.64 17.40
CA TYR D 80 -22.77 1.60 15.95
C TYR D 80 -21.77 2.44 15.18
N THR D 81 -20.49 2.25 15.49
CA THR D 81 -19.43 2.92 14.74
C THR D 81 -19.20 2.15 13.44
N PRO D 82 -19.39 2.77 12.28
CA PRO D 82 -19.21 2.07 11.00
C PRO D 82 -17.74 1.93 10.62
N ILE D 83 -17.47 0.98 9.71
CA ILE D 83 -16.12 0.81 9.19
C ILE D 83 -15.80 1.95 8.24
N THR D 84 -14.55 2.42 8.26
CA THR D 84 -14.07 3.41 7.31
C THR D 84 -13.66 2.72 6.02
N ASN D 85 -14.18 3.20 4.87
CA ASN D 85 -13.85 2.62 3.57
C ASN D 85 -12.38 2.85 3.21
N VAL D 86 -11.71 1.78 2.79
CA VAL D 86 -10.33 1.86 2.32
C VAL D 86 -10.31 1.34 0.89
N PRO D 87 -10.11 2.20 -0.11
CA PRO D 87 -10.19 1.75 -1.50
C PRO D 87 -9.06 0.81 -1.86
N PRO D 88 -9.29 -0.12 -2.77
CA PRO D 88 -8.24 -1.08 -3.15
C PRO D 88 -7.21 -0.46 -4.07
N GLU D 89 -5.99 -0.99 -3.98
CA GLU D 89 -5.00 -0.89 -5.05
C GLU D 89 -5.27 -2.01 -6.04
N VAL D 90 -5.25 -1.70 -7.32
CA VAL D 90 -5.57 -2.69 -8.36
C VAL D 90 -4.37 -2.78 -9.31
N THR D 91 -3.95 -4.01 -9.60
CA THR D 91 -2.87 -4.27 -10.55
C THR D 91 -3.28 -5.39 -11.51
N VAL D 92 -2.90 -5.26 -12.79
CA VAL D 92 -3.21 -6.27 -13.80
C VAL D 92 -1.90 -6.79 -14.37
N LEU D 93 -1.71 -8.12 -14.30
CA LEU D 93 -0.52 -8.81 -14.82
C LEU D 93 -0.94 -10.07 -15.57
N THR D 94 0.00 -10.66 -16.30
CA THR D 94 -0.22 -11.98 -16.88
C THR D 94 0.52 -13.01 -16.03
N ASN D 95 0.02 -14.25 -16.04
CA ASN D 95 0.68 -15.32 -15.28
C ASN D 95 2.05 -15.65 -15.83
N SER D 96 2.23 -15.56 -17.14
CA SER D 96 3.49 -15.93 -17.76
C SER D 96 3.84 -14.94 -18.87
N PRO D 97 5.07 -14.94 -19.38
CA PRO D 97 5.40 -14.07 -20.52
C PRO D 97 4.47 -14.32 -21.70
N VAL D 98 4.11 -13.24 -22.37
CA VAL D 98 3.15 -13.32 -23.46
C VAL D 98 3.83 -13.85 -24.70
N GLU D 99 3.17 -14.81 -25.34
CA GLU D 99 3.54 -15.31 -26.65
C GLU D 99 2.28 -15.23 -27.48
N LEU D 100 2.34 -14.49 -28.59
CA LEU D 100 1.17 -14.27 -29.41
C LEU D 100 0.50 -15.59 -29.81
N ARG D 101 -0.82 -15.65 -29.61
CA ARG D 101 -1.66 -16.78 -29.99
C ARG D 101 -1.39 -18.03 -29.17
N GLU D 102 -0.87 -17.88 -27.96
CA GLU D 102 -0.68 -19.00 -27.05
C GLU D 102 -1.43 -18.71 -25.76
N PRO D 103 -2.27 -19.62 -25.27
CA PRO D 103 -3.17 -19.31 -24.16
C PRO D 103 -2.45 -18.80 -22.92
N ASN D 104 -3.09 -17.89 -22.22
CA ASN D 104 -2.45 -17.22 -21.10
C ASN D 104 -3.55 -16.80 -20.15
N VAL D 105 -3.18 -16.14 -19.07
CA VAL D 105 -4.16 -15.75 -18.05
C VAL D 105 -3.82 -14.36 -17.55
N LEU D 106 -4.79 -13.46 -17.61
CA LEU D 106 -4.71 -12.17 -16.94
C LEU D 106 -5.14 -12.34 -15.49
N ILE D 107 -4.38 -11.70 -14.61
CA ILE D 107 -4.63 -11.66 -13.18
C ILE D 107 -4.92 -10.22 -12.80
N CYS D 108 -6.08 -9.99 -12.19
CA CYS D 108 -6.41 -8.72 -11.58
C CYS D 108 -6.25 -8.87 -10.07
N PHE D 109 -5.25 -8.19 -9.51
CA PHE D 109 -4.90 -8.30 -8.10
C PHE D 109 -5.45 -7.07 -7.38
N ILE D 110 -6.35 -7.30 -6.43
CA ILE D 110 -7.04 -6.26 -5.70
C ILE D 110 -6.58 -6.34 -4.25
N ASP D 111 -5.91 -5.29 -3.78
CA ASP D 111 -5.12 -5.37 -2.56
C ASP D 111 -5.48 -4.22 -1.61
N LYS D 112 -5.33 -4.49 -0.30
CA LYS D 112 -5.31 -3.42 0.71
C LYS D 112 -6.63 -2.68 0.79
N PHE D 113 -7.73 -3.42 0.88
CA PHE D 113 -9.04 -2.77 0.88
C PHE D 113 -9.92 -3.33 1.99
N THR D 114 -10.93 -2.53 2.35
CA THR D 114 -11.97 -2.95 3.30
C THR D 114 -13.13 -1.95 3.19
N PRO D 115 -14.39 -2.38 3.35
CA PRO D 115 -14.82 -3.74 3.71
C PRO D 115 -14.64 -4.75 2.56
N PRO D 116 -14.79 -6.07 2.86
CA PRO D 116 -14.59 -7.11 1.83
C PRO D 116 -15.81 -7.26 0.92
N VAL D 117 -16.05 -6.22 0.12
CA VAL D 117 -17.06 -6.21 -0.93
C VAL D 117 -16.47 -5.48 -2.13
N VAL D 118 -16.40 -6.16 -3.28
CA VAL D 118 -15.95 -5.54 -4.52
C VAL D 118 -16.76 -6.11 -5.67
N ASN D 119 -16.94 -5.29 -6.71
CA ASN D 119 -17.51 -5.79 -7.96
C ASN D 119 -16.43 -5.69 -9.03
N VAL D 120 -16.12 -6.81 -9.66
CA VAL D 120 -15.00 -6.89 -10.61
C VAL D 120 -15.51 -7.41 -11.94
N THR D 121 -15.31 -6.64 -13.00
CA THR D 121 -15.71 -7.04 -14.34
C THR D 121 -14.52 -6.95 -15.27
N TRP D 122 -14.39 -7.94 -16.15
CA TRP D 122 -13.36 -7.92 -17.18
C TRP D 122 -13.93 -7.32 -18.45
N LEU D 123 -13.15 -6.44 -19.09
CA LEU D 123 -13.54 -5.81 -20.35
C LEU D 123 -12.49 -6.13 -21.41
N ARG D 124 -12.94 -6.67 -22.55
CA ARG D 124 -12.12 -6.83 -23.74
C ARG D 124 -12.61 -5.84 -24.79
N ASN D 125 -11.74 -4.93 -25.22
CA ASN D 125 -12.09 -3.89 -26.17
C ASN D 125 -13.35 -3.12 -25.72
N GLY D 126 -13.47 -2.91 -24.40
CA GLY D 126 -14.59 -2.19 -23.84
C GLY D 126 -15.82 -3.03 -23.55
N LYS D 127 -15.82 -4.33 -23.92
CA LYS D 127 -17.04 -5.11 -23.74
C LYS D 127 -16.87 -6.12 -22.61
N PRO D 128 -17.88 -6.33 -21.77
CA PRO D 128 -17.73 -7.29 -20.67
C PRO D 128 -17.56 -8.71 -21.20
N VAL D 129 -16.59 -9.44 -20.65
CA VAL D 129 -16.37 -10.85 -20.96
C VAL D 129 -16.39 -11.65 -19.67
N THR D 130 -17.13 -12.76 -19.68
CA THR D 130 -17.21 -13.63 -18.51
C THR D 130 -16.89 -15.09 -18.79
N THR D 131 -16.53 -15.47 -20.00
CA THR D 131 -16.31 -16.88 -20.32
C THR D 131 -14.99 -17.33 -19.69
N GLY D 132 -15.06 -18.33 -18.82
CA GLY D 132 -13.89 -18.90 -18.19
C GLY D 132 -13.31 -18.13 -17.03
N VAL D 133 -13.95 -17.04 -16.59
CA VAL D 133 -13.38 -16.27 -15.51
C VAL D 133 -13.51 -17.03 -14.19
N SER D 134 -12.69 -16.64 -13.23
CA SER D 134 -12.71 -17.23 -11.91
C SER D 134 -12.15 -16.21 -10.92
N GLU D 135 -12.28 -16.52 -9.63
CA GLU D 135 -11.83 -15.61 -8.60
C GLU D 135 -11.58 -16.41 -7.32
N THR D 136 -10.78 -15.83 -6.45
CA THR D 136 -10.59 -16.28 -5.08
C THR D 136 -11.57 -15.56 -4.15
N VAL D 137 -11.76 -16.11 -2.95
CA VAL D 137 -12.48 -15.39 -1.91
C VAL D 137 -11.56 -14.32 -1.36
N PHE D 138 -12.05 -13.56 -0.38
CA PHE D 138 -11.23 -12.52 0.23
C PHE D 138 -10.17 -13.14 1.12
N LEU D 139 -8.94 -12.66 1.00
CA LEU D 139 -7.81 -13.22 1.75
C LEU D 139 -7.34 -12.21 2.79
N PRO D 140 -6.96 -12.66 3.98
CA PRO D 140 -6.62 -11.72 5.06
C PRO D 140 -5.27 -11.07 4.87
N ARG D 141 -5.09 -9.94 5.55
CA ARG D 141 -3.82 -9.23 5.58
C ARG D 141 -3.47 -8.92 7.03
N GLU D 142 -2.18 -8.70 7.26
CA GLU D 142 -1.70 -8.44 8.61
C GLU D 142 -2.32 -7.16 9.19
N ASP D 143 -2.57 -6.16 8.33
CA ASP D 143 -3.19 -4.91 8.76
C ASP D 143 -4.71 -4.99 8.80
N HIS D 144 -5.28 -6.17 8.55
CA HIS D 144 -6.71 -6.50 8.65
C HIS D 144 -7.53 -5.96 7.48
N LEU D 145 -6.88 -5.45 6.43
CA LEU D 145 -7.52 -5.23 5.14
C LEU D 145 -7.60 -6.58 4.40
N PHE D 146 -7.93 -6.54 3.11
CA PHE D 146 -8.16 -7.76 2.35
C PHE D 146 -7.46 -7.73 1.00
N ARG D 147 -7.26 -8.95 0.47
CA ARG D 147 -6.69 -9.22 -0.85
CA ARG D 147 -6.76 -9.11 -0.88
C ARG D 147 -7.68 -10.07 -1.63
N LYS D 148 -7.63 -9.96 -2.95
CA LYS D 148 -8.47 -10.78 -3.83
C LYS D 148 -7.81 -10.88 -5.20
N PHE D 149 -8.05 -12.00 -5.87
CA PHE D 149 -7.51 -12.23 -7.21
C PHE D 149 -8.67 -12.57 -8.13
N HIS D 150 -8.67 -11.97 -9.32
CA HIS D 150 -9.58 -12.38 -10.38
C HIS D 150 -8.77 -12.84 -11.59
N TYR D 151 -9.27 -13.85 -12.30
CA TYR D 151 -8.50 -14.47 -13.37
C TYR D 151 -9.32 -14.50 -14.66
N LEU D 152 -8.65 -14.21 -15.77
CA LEU D 152 -9.28 -14.28 -17.11
C LEU D 152 -8.36 -15.03 -18.05
N PRO D 153 -8.71 -16.25 -18.44
CA PRO D 153 -7.96 -16.94 -19.50
C PRO D 153 -8.20 -16.25 -20.82
N PHE D 154 -7.15 -16.13 -21.63
CA PHE D 154 -7.30 -15.39 -22.88
C PHE D 154 -6.23 -15.81 -23.88
N LEU D 155 -6.50 -15.50 -25.13
CA LEU D 155 -5.53 -15.78 -26.18
C LEU D 155 -4.88 -14.48 -26.59
N PRO D 156 -3.62 -14.24 -26.22
CA PRO D 156 -2.99 -12.94 -26.52
C PRO D 156 -2.92 -12.67 -28.00
N SER D 157 -3.18 -11.42 -28.35
CA SER D 157 -3.03 -10.99 -29.74
C SER D 157 -2.81 -9.50 -29.75
N THR D 158 -2.31 -9.00 -30.88
CA THR D 158 -2.10 -7.57 -31.02
C THR D 158 -3.40 -6.80 -31.21
N GLU D 159 -4.53 -7.49 -31.34
CA GLU D 159 -5.78 -6.86 -31.75
C GLU D 159 -6.70 -6.56 -30.56
N ASP D 160 -6.46 -7.14 -29.39
CA ASP D 160 -7.33 -6.97 -28.23
C ASP D 160 -6.61 -6.19 -27.14
N VAL D 161 -7.35 -5.31 -26.45
CA VAL D 161 -6.91 -4.64 -25.23
C VAL D 161 -7.84 -5.09 -24.12
N TYR D 162 -7.35 -5.01 -22.87
CA TYR D 162 -8.10 -5.53 -21.74
C TYR D 162 -8.10 -4.53 -20.60
N ASP D 163 -9.18 -4.55 -19.82
CA ASP D 163 -9.30 -3.75 -18.62
C ASP D 163 -9.92 -4.59 -17.52
N CYS D 164 -9.38 -4.44 -16.32
CA CYS D 164 -10.04 -4.93 -15.12
C CYS D 164 -10.74 -3.74 -14.49
N ARG D 165 -12.05 -3.84 -14.35
CA ARG D 165 -12.89 -2.77 -13.82
C ARG D 165 -13.32 -3.15 -12.40
N VAL D 166 -12.96 -2.31 -11.43
CA VAL D 166 -13.15 -2.61 -10.01
C VAL D 166 -14.00 -1.50 -9.38
N GLU D 167 -15.14 -1.89 -8.80
CA GLU D 167 -16.00 -1.01 -8.02
C GLU D 167 -15.89 -1.36 -6.54
N HIS D 168 -15.72 -0.33 -5.71
CA HIS D 168 -15.61 -0.48 -4.27
C HIS D 168 -16.09 0.82 -3.64
N TRP D 169 -16.74 0.72 -2.48
CA TRP D 169 -17.31 1.92 -1.86
C TRP D 169 -16.23 2.95 -1.50
N GLY D 170 -14.96 2.55 -1.45
CA GLY D 170 -13.94 3.54 -1.13
C GLY D 170 -13.49 4.40 -2.28
N LEU D 171 -13.90 4.08 -3.50
CA LEU D 171 -13.51 4.76 -4.74
C LEU D 171 -14.60 5.72 -5.18
N ASP D 172 -14.21 6.96 -5.54
CA ASP D 172 -15.20 7.88 -6.08
C ASP D 172 -15.70 7.45 -7.45
N GLU D 173 -15.01 6.53 -8.13
CA GLU D 173 -15.43 6.08 -9.44
C GLU D 173 -14.82 4.73 -9.71
N PRO D 174 -15.47 3.89 -10.53
CA PRO D 174 -14.88 2.60 -10.88
C PRO D 174 -13.46 2.77 -11.41
N LEU D 175 -12.56 1.89 -10.96
CA LEU D 175 -11.16 1.95 -11.36
C LEU D 175 -10.95 0.97 -12.53
N LEU D 176 -10.40 1.47 -13.63
CA LEU D 176 -10.04 0.65 -14.79
C LEU D 176 -8.53 0.49 -14.82
N LYS D 177 -8.05 -0.75 -14.73
CA LYS D 177 -6.63 -1.05 -14.87
C LYS D 177 -6.41 -1.75 -16.20
N HIS D 178 -5.50 -1.22 -17.00
CA HIS D 178 -5.41 -1.56 -18.41
C HIS D 178 -4.25 -2.54 -18.65
N TRP D 179 -4.43 -3.37 -19.68
CA TRP D 179 -3.36 -4.25 -20.16
C TRP D 179 -3.44 -4.38 -21.67
N GLU D 180 -2.27 -4.35 -22.30
CA GLU D 180 -2.06 -4.49 -23.74
C GLU D 180 -0.77 -5.23 -24.00
N PHE D 181 -0.69 -5.87 -25.16
CA PHE D 181 0.56 -6.49 -25.59
C PHE D 181 1.55 -5.44 -26.05
N ASP D 182 2.84 -5.75 -25.90
CA ASP D 182 3.95 -4.97 -26.45
C ASP D 182 3.97 -3.60 -25.77
N ALA D 183 3.73 -3.62 -24.46
CA ALA D 183 3.56 -2.44 -23.63
C ALA D 183 2.40 -1.58 -24.15
N MET E 4 -20.46 4.30 -3.56
CA MET E 4 -21.02 3.76 -4.79
C MET E 4 -22.50 3.43 -4.63
N GLY E 5 -22.90 2.21 -5.01
CA GLY E 5 -24.32 1.85 -4.97
C GLY E 5 -24.97 2.02 -3.61
N ASP E 6 -24.41 1.34 -2.61
CA ASP E 6 -24.96 1.29 -1.26
C ASP E 6 -24.07 2.13 -0.36
N THR E 7 -24.62 3.23 0.15
CA THR E 7 -23.87 4.12 1.03
C THR E 7 -24.11 3.80 2.50
N ARG E 8 -25.00 2.85 2.79
CA ARG E 8 -25.34 2.49 4.16
C ARG E 8 -24.10 2.06 4.93
N PRO E 9 -24.07 2.30 6.24
CA PRO E 9 -22.89 1.94 7.03
C PRO E 9 -22.70 0.43 7.08
N ARG E 10 -21.44 0.03 7.15
CA ARG E 10 -21.06 -1.36 7.26
C ARG E 10 -20.36 -1.60 8.59
N PHE E 11 -20.53 -2.81 9.10
CA PHE E 11 -19.92 -3.22 10.36
C PHE E 11 -19.31 -4.61 10.14
N LEU E 12 -18.01 -4.73 10.46
CA LEU E 12 -17.24 -5.93 10.15
C LEU E 12 -16.64 -6.52 11.42
N TRP E 13 -16.71 -7.84 11.54
CA TRP E 13 -16.05 -8.59 12.61
C TRP E 13 -15.20 -9.67 12.00
N GLN E 14 -13.92 -9.71 12.39
CA GLN E 14 -12.97 -10.71 11.93
C GLN E 14 -12.41 -11.46 13.12
N LEU E 15 -12.22 -12.77 12.93
CA LEU E 15 -11.55 -13.62 13.91
C LEU E 15 -10.45 -14.36 13.18
N LYS E 16 -9.22 -14.21 13.65
CA LYS E 16 -8.06 -14.85 13.04
C LYS E 16 -7.35 -15.69 14.08
N PHE E 17 -7.07 -16.94 13.74
CA PHE E 17 -6.20 -17.82 14.52
C PHE E 17 -4.93 -18.06 13.70
N GLU E 18 -3.81 -17.52 14.17
CA GLU E 18 -2.53 -17.63 13.48
C GLU E 18 -1.66 -18.64 14.21
N CYS E 19 -1.26 -19.70 13.53
CA CYS E 19 -0.27 -20.63 14.06
C CYS E 19 1.07 -20.31 13.39
N HIS E 20 2.03 -19.82 14.17
CA HIS E 20 3.37 -19.48 13.69
C HIS E 20 4.33 -20.62 14.04
N PHE E 21 5.09 -21.09 13.05
CA PHE E 21 5.97 -22.26 13.17
C PHE E 21 7.43 -21.90 12.93
N PHE E 22 8.30 -22.28 13.86
CA PHE E 22 9.74 -22.05 13.76
C PHE E 22 10.48 -23.39 13.78
N ASN E 23 11.36 -23.58 12.80
CA ASN E 23 12.18 -24.78 12.63
C ASN E 23 11.34 -26.06 12.64
N GLY E 24 10.59 -26.23 11.56
CA GLY E 24 9.63 -27.32 11.53
C GLY E 24 8.48 -26.98 12.46
N THR E 25 8.21 -27.86 13.42
CA THR E 25 7.29 -27.60 14.51
C THR E 25 7.99 -27.55 15.86
N GLU E 26 9.30 -27.27 15.86
CA GLU E 26 10.02 -27.19 17.13
C GLU E 26 9.42 -26.11 18.02
N ARG E 27 9.29 -24.88 17.51
CA ARG E 27 8.67 -23.82 18.28
C ARG E 27 7.38 -23.39 17.58
N VAL E 28 6.28 -23.35 18.33
CA VAL E 28 4.98 -22.99 17.78
C VAL E 28 4.33 -21.93 18.66
N ARG E 29 3.71 -20.93 18.03
CA ARG E 29 3.03 -19.84 18.73
C ARG E 29 1.64 -19.65 18.14
N LEU E 30 0.61 -19.70 18.99
CA LEU E 30 -0.75 -19.43 18.56
C LEU E 30 -1.16 -18.00 18.93
N LEU E 31 -1.66 -17.26 17.95
CA LEU E 31 -2.14 -15.88 18.13
C LEU E 31 -3.58 -15.82 17.66
N GLU E 32 -4.51 -15.73 18.61
CA GLU E 32 -5.91 -15.55 18.31
C GLU E 32 -6.26 -14.05 18.42
N ARG E 33 -6.87 -13.50 17.38
CA ARG E 33 -7.07 -12.05 17.23
C ARG E 33 -8.52 -11.78 16.85
N CYS E 34 -9.15 -10.85 17.56
CA CYS E 34 -10.47 -10.33 17.21
C CYS E 34 -10.31 -8.91 16.68
N ILE E 35 -10.98 -8.61 15.57
CA ILE E 35 -10.85 -7.29 14.95
C ILE E 35 -12.24 -6.77 14.61
N TYR E 36 -12.59 -5.59 15.13
CA TYR E 36 -13.83 -4.93 14.79
C TYR E 36 -13.52 -3.84 13.78
N ASN E 37 -14.17 -3.90 12.62
CA ASN E 37 -13.87 -2.99 11.51
C ASN E 37 -12.39 -3.12 11.16
N GLN E 38 -11.58 -2.13 11.53
CA GLN E 38 -10.13 -2.22 11.30
C GLN E 38 -9.35 -2.20 12.61
N GLU E 39 -10.01 -2.43 13.73
CA GLU E 39 -9.42 -2.23 15.04
C GLU E 39 -9.33 -3.59 15.74
N GLU E 40 -8.11 -4.02 16.03
CA GLU E 40 -7.92 -5.23 16.82
C GLU E 40 -8.25 -4.93 18.28
N SER E 41 -9.22 -5.66 18.82
CA SER E 41 -9.71 -5.34 20.15
C SER E 41 -9.15 -6.26 21.24
N VAL E 42 -8.97 -7.56 20.97
CA VAL E 42 -8.51 -8.47 21.99
C VAL E 42 -7.78 -9.64 21.33
N ARG E 43 -6.87 -10.26 22.08
CA ARG E 43 -6.06 -11.34 21.53
C ARG E 43 -5.67 -12.33 22.61
N PHE E 44 -5.47 -13.58 22.19
CA PHE E 44 -4.83 -14.61 23.01
C PHE E 44 -3.51 -14.96 22.35
N ASP E 45 -2.43 -14.68 23.06
CA ASP E 45 -1.09 -15.00 22.62
C ASP E 45 -0.59 -16.14 23.48
N SER E 46 -0.32 -17.30 22.86
CA SER E 46 0.08 -18.46 23.63
C SER E 46 1.35 -18.21 24.43
N ASP E 47 2.18 -17.25 24.00
CA ASP E 47 3.32 -16.84 24.80
C ASP E 47 2.91 -16.09 26.06
N VAL E 48 1.71 -15.53 26.08
CA VAL E 48 1.18 -14.85 27.25
C VAL E 48 0.29 -15.77 28.09
N GLY E 49 -0.52 -16.60 27.44
CA GLY E 49 -1.31 -17.59 28.15
C GLY E 49 -2.66 -17.14 28.65
N GLU E 50 -3.10 -15.93 28.32
CA GLU E 50 -4.44 -15.48 28.66
C GLU E 50 -4.83 -14.41 27.65
N TYR E 51 -6.11 -14.05 27.64
CA TYR E 51 -6.57 -12.98 26.78
C TYR E 51 -6.11 -11.64 27.31
N ARG E 52 -5.76 -10.76 26.37
CA ARG E 52 -5.37 -9.39 26.65
C ARG E 52 -6.17 -8.47 25.72
N ALA E 53 -6.79 -7.46 26.31
CA ALA E 53 -7.49 -6.44 25.55
C ALA E 53 -6.48 -5.57 24.82
N VAL E 54 -6.66 -5.40 23.51
CA VAL E 54 -5.77 -4.49 22.79
C VAL E 54 -6.29 -3.06 22.87
N THR E 55 -7.60 -2.87 22.76
CA THR E 55 -8.26 -1.59 22.90
C THR E 55 -9.36 -1.70 23.95
N GLU E 56 -10.01 -0.55 24.21
CA GLU E 56 -11.07 -0.48 25.23
C GLU E 56 -12.21 -1.43 24.88
N LEU E 57 -12.58 -1.49 23.60
CA LEU E 57 -13.67 -2.33 23.14
C LEU E 57 -13.48 -3.79 23.55
N GLY E 58 -12.23 -4.24 23.68
CA GLY E 58 -11.95 -5.63 24.01
C GLY E 58 -11.86 -5.97 25.49
N ARG E 59 -11.92 -4.98 26.37
CA ARG E 59 -11.81 -5.25 27.81
C ARG E 59 -12.91 -6.17 28.34
N PRO E 60 -14.19 -5.96 28.03
CA PRO E 60 -15.21 -6.91 28.51
C PRO E 60 -14.95 -8.34 28.06
N ASP E 61 -14.45 -8.53 26.84
CA ASP E 61 -14.25 -9.88 26.34
C ASP E 61 -13.03 -10.54 26.97
N ALA E 62 -11.93 -9.80 27.10
CA ALA E 62 -10.79 -10.35 27.82
C ALA E 62 -11.19 -10.81 29.21
N GLU E 63 -11.98 -9.99 29.92
CA GLU E 63 -12.40 -10.33 31.28
C GLU E 63 -13.30 -11.58 31.29
N TYR E 64 -14.31 -11.59 30.41
CA TYR E 64 -15.27 -12.68 30.38
C TYR E 64 -14.56 -13.99 30.02
N TRP E 65 -13.74 -13.95 28.98
CA TRP E 65 -13.08 -15.15 28.51
C TRP E 65 -12.01 -15.64 29.48
N ASN E 66 -11.31 -14.72 30.17
CA ASN E 66 -10.33 -15.16 31.15
C ASN E 66 -10.99 -15.79 32.35
N SER E 67 -12.27 -15.49 32.61
CA SER E 67 -12.93 -16.18 33.72
C SER E 67 -13.31 -17.63 33.41
N GLN E 68 -13.18 -18.09 32.16
CA GLN E 68 -13.58 -19.44 31.76
C GLN E 68 -12.38 -20.38 31.76
N LYS E 69 -12.23 -21.14 32.85
CA LYS E 69 -11.02 -21.95 33.06
C LYS E 69 -10.80 -22.97 31.95
N ASP E 70 -11.87 -23.62 31.49
CA ASP E 70 -11.71 -24.66 30.47
C ASP E 70 -11.39 -24.05 29.11
N LEU E 71 -11.96 -22.88 28.80
CA LEU E 71 -11.57 -22.17 27.58
C LEU E 71 -10.09 -21.86 27.59
N LEU E 72 -9.59 -21.35 28.72
CA LEU E 72 -8.16 -21.05 28.83
C LEU E 72 -7.32 -22.31 28.67
N GLU E 73 -7.74 -23.43 29.27
CA GLU E 73 -6.98 -24.66 29.10
C GLU E 73 -6.95 -25.09 27.65
N GLN E 74 -8.12 -25.09 27.00
CA GLN E 74 -8.20 -25.47 25.60
C GLN E 74 -7.30 -24.60 24.72
N ARG E 75 -7.27 -23.30 24.97
CA ARG E 75 -6.40 -22.43 24.17
C ARG E 75 -4.94 -22.67 24.48
N ARG E 76 -4.61 -22.90 25.75
CA ARG E 76 -3.23 -23.14 26.13
C ARG E 76 -2.67 -24.38 25.47
N ALA E 77 -3.49 -25.42 25.32
CA ALA E 77 -3.09 -26.67 24.68
C ALA E 77 -3.17 -26.63 23.16
N ALA E 78 -3.63 -25.51 22.58
CA ALA E 78 -3.90 -25.47 21.14
C ALA E 78 -2.65 -25.55 20.27
N VAL E 79 -1.48 -25.09 20.76
CA VAL E 79 -0.27 -25.22 19.95
C VAL E 79 -0.03 -26.68 19.58
N ASP E 80 -0.52 -27.60 20.41
CA ASP E 80 -0.41 -29.03 20.15
C ASP E 80 -1.66 -29.60 19.48
N THR E 81 -2.84 -29.38 20.07
CA THR E 81 -4.04 -30.03 19.56
C THR E 81 -4.47 -29.47 18.22
N TYR E 82 -4.06 -28.25 17.91
CA TYR E 82 -4.56 -27.50 16.77
C TYR E 82 -3.47 -27.12 15.78
N CYS E 83 -2.45 -26.38 16.22
CA CYS E 83 -1.41 -25.91 15.30
C CYS E 83 -0.59 -27.08 14.76
N ARG E 84 0.03 -27.87 15.65
CA ARG E 84 0.89 -28.94 15.17
C ARG E 84 0.06 -29.98 14.41
N HIS E 85 -1.17 -30.24 14.86
CA HIS E 85 -2.04 -31.16 14.13
C HIS E 85 -2.23 -30.71 12.69
N ASN E 86 -2.61 -29.44 12.48
CA ASN E 86 -2.91 -28.93 11.15
C ASN E 86 -1.65 -28.85 10.28
N TYR E 87 -0.53 -28.46 10.88
CA TYR E 87 0.73 -28.50 10.16
C TYR E 87 1.01 -29.91 9.65
N GLY E 88 0.79 -30.92 10.50
CA GLY E 88 0.97 -32.29 10.06
C GLY E 88 0.01 -32.70 8.96
N VAL E 89 -1.25 -32.27 9.06
CA VAL E 89 -2.26 -32.62 8.04
C VAL E 89 -1.89 -31.99 6.70
N GLY E 90 -1.37 -30.78 6.71
CA GLY E 90 -1.11 -30.10 5.46
C GLY E 90 0.31 -30.14 4.96
N GLU E 91 1.22 -30.78 5.71
CA GLU E 91 2.65 -30.74 5.37
C GLU E 91 2.92 -31.16 3.93
N SER E 92 2.32 -32.26 3.49
CA SER E 92 2.71 -32.89 2.23
C SER E 92 2.50 -31.98 1.04
N PHE E 93 1.46 -31.14 1.07
CA PHE E 93 1.08 -30.36 -0.10
C PHE E 93 1.17 -28.85 0.13
N THR E 94 1.72 -28.41 1.26
CA THR E 94 1.95 -26.99 1.50
C THR E 94 3.40 -26.75 1.85
N VAL E 95 3.81 -27.16 3.05
CA VAL E 95 5.20 -27.02 3.48
C VAL E 95 6.14 -27.67 2.46
N GLN E 96 5.72 -28.80 1.89
CA GLN E 96 6.57 -29.60 1.02
C GLN E 96 6.22 -29.46 -0.45
N ARG E 97 5.27 -28.57 -0.79
CA ARG E 97 4.92 -28.35 -2.19
C ARG E 97 6.13 -27.80 -2.93
N ARG E 98 6.43 -28.39 -4.09
CA ARG E 98 7.56 -27.98 -4.90
C ARG E 98 7.11 -27.92 -6.35
N VAL E 99 7.16 -26.74 -6.94
CA VAL E 99 6.86 -26.56 -8.35
C VAL E 99 8.03 -25.83 -8.98
N GLU E 100 8.54 -26.39 -10.04
CA GLU E 100 9.70 -25.88 -10.75
C GLU E 100 9.32 -24.68 -11.60
N PRO E 101 10.16 -23.64 -11.62
CA PRO E 101 9.88 -22.47 -12.46
C PRO E 101 10.20 -22.72 -13.92
N LYS E 102 9.42 -22.11 -14.79
CA LYS E 102 9.81 -21.96 -16.19
C LYS E 102 10.65 -20.69 -16.30
N VAL E 103 11.83 -20.80 -16.93
CA VAL E 103 12.78 -19.70 -17.02
C VAL E 103 12.98 -19.37 -18.49
N THR E 104 12.82 -18.09 -18.84
CA THR E 104 13.11 -17.59 -20.18
C THR E 104 13.89 -16.30 -20.09
N VAL E 105 14.70 -16.03 -21.12
CA VAL E 105 15.47 -14.80 -21.21
C VAL E 105 15.20 -14.14 -22.55
N TYR E 106 14.90 -12.85 -22.54
CA TYR E 106 14.60 -12.13 -23.78
C TYR E 106 14.95 -10.65 -23.64
N PRO E 107 15.31 -9.99 -24.73
CA PRO E 107 15.51 -8.54 -24.67
C PRO E 107 14.19 -7.82 -24.54
N SER E 108 14.16 -6.83 -23.64
CA SER E 108 12.93 -6.10 -23.36
C SER E 108 12.32 -5.52 -24.63
N LYS E 109 13.16 -4.99 -25.52
CA LYS E 109 12.72 -4.59 -26.85
C LYS E 109 13.81 -4.88 -27.86
N THR E 110 13.40 -5.07 -29.12
CA THR E 110 14.30 -5.32 -30.23
C THR E 110 15.23 -4.15 -30.54
N GLN E 111 16.38 -4.09 -29.87
CA GLN E 111 17.35 -3.00 -30.04
C GLN E 111 18.67 -3.53 -30.62
N PRO E 112 19.37 -2.73 -31.44
CA PRO E 112 20.63 -3.18 -32.06
C PRO E 112 21.74 -3.34 -31.03
N LEU E 113 22.86 -3.90 -31.50
CA LEU E 113 24.01 -4.13 -30.63
C LEU E 113 24.69 -2.81 -30.25
N GLN E 114 25.41 -2.84 -29.13
CA GLN E 114 26.13 -1.70 -28.57
C GLN E 114 25.21 -0.53 -28.19
N HIS E 115 23.91 -0.78 -28.17
CA HIS E 115 22.93 0.18 -27.68
C HIS E 115 22.34 -0.39 -26.40
N HIS E 116 22.09 0.49 -25.42
CA HIS E 116 21.61 0.05 -24.12
C HIS E 116 20.35 -0.81 -24.26
N ASN E 117 20.28 -1.88 -23.48
CA ASN E 117 19.12 -2.76 -23.50
C ASN E 117 18.85 -3.31 -22.11
N LEU E 118 17.59 -3.65 -21.87
CA LEU E 118 17.17 -4.30 -20.63
C LEU E 118 16.90 -5.76 -20.94
N LEU E 119 17.75 -6.64 -20.42
CA LEU E 119 17.62 -8.08 -20.60
C LEU E 119 16.70 -8.63 -19.51
N VAL E 120 15.70 -9.41 -19.90
CA VAL E 120 14.71 -9.90 -18.95
C VAL E 120 14.95 -11.39 -18.72
N CYS E 121 15.00 -11.78 -17.45
CA CYS E 121 14.91 -13.17 -17.01
C CYS E 121 13.56 -13.34 -16.34
N SER E 122 12.67 -14.04 -17.02
CA SER E 122 11.32 -14.31 -16.54
C SER E 122 11.32 -15.67 -15.86
N VAL E 123 10.95 -15.69 -14.58
CA VAL E 123 10.90 -16.90 -13.77
C VAL E 123 9.47 -17.06 -13.28
N SER E 124 8.71 -17.98 -13.88
CA SER E 124 7.28 -18.04 -13.60
C SER E 124 6.85 -19.42 -13.15
N GLY E 125 5.75 -19.48 -12.39
CA GLY E 125 5.06 -20.71 -12.05
C GLY E 125 5.68 -21.54 -10.94
N PHE E 126 6.51 -20.95 -10.08
CA PHE E 126 7.26 -21.75 -9.13
C PHE E 126 6.67 -21.65 -7.72
N TYR E 127 7.04 -22.63 -6.88
CA TYR E 127 6.66 -22.66 -5.47
C TYR E 127 7.66 -23.55 -4.75
N PRO E 128 8.15 -23.18 -3.55
CA PRO E 128 7.74 -21.98 -2.78
C PRO E 128 8.33 -20.68 -3.34
N GLY E 129 8.17 -19.58 -2.59
CA GLY E 129 8.60 -18.27 -3.04
C GLY E 129 10.06 -17.97 -2.85
N SER E 130 10.77 -18.76 -2.04
CA SER E 130 12.20 -18.60 -1.86
C SER E 130 12.93 -18.95 -3.14
N ILE E 131 13.70 -18.00 -3.68
CA ILE E 131 14.34 -18.16 -4.98
C ILE E 131 15.53 -17.21 -5.03
N GLU E 132 16.54 -17.58 -5.82
CA GLU E 132 17.72 -16.74 -6.04
C GLU E 132 17.98 -16.68 -7.54
N VAL E 133 18.03 -15.47 -8.08
CA VAL E 133 18.27 -15.25 -9.50
C VAL E 133 19.54 -14.41 -9.65
N ARG E 134 20.45 -14.87 -10.51
CA ARG E 134 21.70 -14.18 -10.77
C ARG E 134 21.96 -14.06 -12.26
N TRP E 135 22.68 -13.00 -12.62
CA TRP E 135 23.05 -12.69 -14.00
C TRP E 135 24.56 -12.86 -14.21
N PHE E 136 24.94 -13.40 -15.35
CA PHE E 136 26.35 -13.61 -15.68
C PHE E 136 26.63 -13.11 -17.09
N ARG E 137 27.71 -12.35 -17.25
CA ARG E 137 28.24 -11.90 -18.53
C ARG E 137 29.52 -12.67 -18.79
N ASN E 138 29.48 -13.59 -19.76
CA ASN E 138 30.61 -14.46 -20.08
C ASN E 138 31.15 -15.15 -18.84
N GLY E 139 30.25 -15.64 -17.99
CA GLY E 139 30.65 -16.34 -16.79
C GLY E 139 30.98 -15.45 -15.60
N GLN E 140 31.04 -14.14 -15.79
CA GLN E 140 31.34 -13.23 -14.69
C GLN E 140 30.02 -12.75 -14.10
N GLU E 141 29.82 -12.95 -12.80
CA GLU E 141 28.59 -12.49 -12.19
C GLU E 141 28.48 -10.98 -12.27
N GLU E 142 27.33 -10.50 -12.72
CA GLU E 142 27.06 -9.07 -12.80
C GLU E 142 26.03 -8.75 -11.74
N LYS E 143 26.47 -8.09 -10.68
CA LYS E 143 25.58 -7.72 -9.59
C LYS E 143 25.00 -6.32 -9.76
N ALA E 144 25.62 -5.48 -10.59
CA ALA E 144 25.18 -4.11 -10.75
C ALA E 144 24.14 -4.01 -11.86
N GLY E 145 23.30 -2.98 -11.77
CA GLY E 145 22.30 -2.76 -12.80
C GLY E 145 21.26 -3.84 -12.89
N VAL E 146 20.93 -4.48 -11.77
CA VAL E 146 19.87 -5.47 -11.73
C VAL E 146 18.60 -4.79 -11.25
N VAL E 147 17.51 -5.01 -11.98
CA VAL E 147 16.23 -4.34 -11.75
C VAL E 147 15.21 -5.45 -11.63
N SER E 148 14.63 -5.61 -10.44
CA SER E 148 13.80 -6.77 -10.18
C SER E 148 12.41 -6.32 -9.79
N THR E 149 11.40 -6.99 -10.36
CA THR E 149 10.02 -6.75 -9.97
C THR E 149 9.73 -7.19 -8.55
N GLY E 150 10.63 -7.96 -7.95
CA GLY E 150 10.36 -8.60 -6.69
C GLY E 150 9.51 -9.85 -6.88
N LEU E 151 9.14 -10.42 -5.75
CA LEU E 151 8.32 -11.63 -5.73
C LEU E 151 6.85 -11.28 -5.91
N ILE E 152 6.20 -11.94 -6.85
CA ILE E 152 4.79 -11.72 -7.17
C ILE E 152 4.04 -12.98 -6.81
N GLN E 153 3.07 -12.88 -5.91
CA GLN E 153 2.25 -14.02 -5.53
C GLN E 153 1.02 -14.04 -6.44
N ASN E 154 0.85 -15.12 -7.21
CA ASN E 154 -0.22 -15.14 -8.20
C ASN E 154 -1.59 -15.50 -7.62
N GLY E 155 -1.67 -15.92 -6.35
CA GLY E 155 -2.92 -16.30 -5.73
C GLY E 155 -3.34 -17.73 -5.98
N ASP E 156 -2.60 -18.48 -6.78
CA ASP E 156 -2.94 -19.86 -7.10
C ASP E 156 -1.82 -20.83 -6.74
N TRP E 157 -1.09 -20.53 -5.67
CA TRP E 157 0.02 -21.36 -5.21
C TRP E 157 1.16 -21.42 -6.23
N THR E 158 1.35 -20.34 -7.00
CA THR E 158 2.56 -20.13 -7.79
C THR E 158 3.05 -18.70 -7.59
N PHE E 159 4.35 -18.50 -7.83
CA PHE E 159 4.98 -17.20 -7.83
C PHE E 159 5.55 -16.92 -9.21
N GLN E 160 5.86 -15.65 -9.47
CA GLN E 160 6.63 -15.29 -10.64
C GLN E 160 7.48 -14.08 -10.27
N THR E 161 8.51 -13.84 -11.08
CA THR E 161 9.40 -12.71 -10.85
C THR E 161 10.09 -12.40 -12.17
N LEU E 162 10.39 -11.12 -12.39
CA LEU E 162 11.15 -10.68 -13.54
C LEU E 162 12.41 -10.00 -13.01
N VAL E 163 13.57 -10.48 -13.42
CA VAL E 163 14.84 -9.90 -13.03
C VAL E 163 15.53 -9.41 -14.31
N MET E 164 15.73 -8.11 -14.41
CA MET E 164 16.24 -7.48 -15.61
C MET E 164 17.67 -7.00 -15.37
N LEU E 165 18.47 -7.03 -16.42
CA LEU E 165 19.87 -6.64 -16.35
C LEU E 165 20.10 -5.51 -17.34
N GLU E 166 20.75 -4.44 -16.90
CA GLU E 166 21.12 -3.36 -17.80
C GLU E 166 22.38 -3.75 -18.56
N THR E 167 22.31 -3.71 -19.89
CA THR E 167 23.42 -4.14 -20.71
C THR E 167 23.70 -3.11 -21.79
N VAL E 168 24.94 -3.11 -22.26
CA VAL E 168 25.31 -2.53 -23.55
C VAL E 168 25.90 -3.71 -24.30
N PRO E 169 25.07 -4.58 -24.88
CA PRO E 169 25.59 -5.84 -25.41
C PRO E 169 26.50 -5.62 -26.60
N ARG E 170 27.56 -6.42 -26.66
CA ARG E 170 28.50 -6.42 -27.76
C ARG E 170 28.51 -7.81 -28.38
N SER E 171 28.70 -7.87 -29.69
CA SER E 171 28.58 -9.14 -30.41
C SER E 171 29.56 -10.17 -29.86
N GLY E 172 29.11 -11.42 -29.79
CA GLY E 172 29.88 -12.49 -29.20
C GLY E 172 29.60 -12.72 -27.73
N GLU E 173 29.08 -11.72 -27.02
CA GLU E 173 28.83 -11.86 -25.59
C GLU E 173 27.72 -12.88 -25.33
N VAL E 174 27.84 -13.56 -24.20
CA VAL E 174 26.87 -14.57 -23.78
C VAL E 174 26.40 -14.18 -22.38
N TYR E 175 25.12 -13.86 -22.24
CA TYR E 175 24.52 -13.56 -20.94
C TYR E 175 23.76 -14.78 -20.47
N THR E 176 23.86 -15.08 -19.18
CA THR E 176 23.22 -16.26 -18.62
C THR E 176 22.46 -15.88 -17.37
N CYS E 177 21.22 -16.36 -17.27
CA CYS E 177 20.42 -16.21 -16.07
C CYS E 177 20.41 -17.54 -15.34
N GLN E 178 20.81 -17.52 -14.06
CA GLN E 178 20.93 -18.72 -13.24
C GLN E 178 19.95 -18.62 -12.08
N VAL E 179 19.06 -19.61 -11.99
CA VAL E 179 17.99 -19.64 -11.00
C VAL E 179 18.25 -20.81 -10.06
N GLU E 180 18.24 -20.54 -8.77
CA GLU E 180 18.31 -21.54 -7.72
C GLU E 180 17.00 -21.53 -6.95
N HIS E 181 16.43 -22.72 -6.76
CA HIS E 181 15.11 -22.92 -6.18
C HIS E 181 15.08 -24.30 -5.54
N PRO E 182 14.36 -24.46 -4.42
CA PRO E 182 14.33 -25.79 -3.76
C PRO E 182 13.75 -26.91 -4.63
N SER E 183 13.09 -26.61 -5.75
CA SER E 183 12.50 -27.66 -6.56
C SER E 183 13.51 -28.38 -7.44
N VAL E 184 14.73 -27.86 -7.55
CA VAL E 184 15.79 -28.44 -8.38
C VAL E 184 17.05 -28.56 -7.54
N THR E 185 17.75 -29.69 -7.69
CA THR E 185 19.01 -29.86 -6.98
C THR E 185 20.14 -29.12 -7.68
N SER E 186 20.04 -28.96 -9.00
CA SER E 186 21.03 -28.23 -9.78
C SER E 186 20.43 -26.94 -10.33
N PRO E 187 21.17 -25.83 -10.31
CA PRO E 187 20.63 -24.56 -10.79
C PRO E 187 20.17 -24.63 -12.24
N LEU E 188 19.03 -24.00 -12.51
CA LEU E 188 18.57 -23.85 -13.87
C LEU E 188 19.31 -22.69 -14.51
N THR E 189 19.73 -22.87 -15.76
CA THR E 189 20.44 -21.81 -16.47
C THR E 189 19.84 -21.65 -17.85
N VAL E 190 19.65 -20.39 -18.24
CA VAL E 190 19.18 -20.06 -19.59
C VAL E 190 20.07 -18.95 -20.12
N GLU E 191 20.57 -19.13 -21.34
CA GLU E 191 21.48 -18.14 -21.91
C GLU E 191 20.84 -17.41 -23.08
N TRP E 192 21.33 -16.19 -23.31
CA TRP E 192 20.99 -15.36 -24.45
C TRP E 192 22.31 -14.84 -25.02
N ARG E 193 22.54 -15.11 -26.29
CA ARG E 193 23.79 -14.78 -26.95
C ARG E 193 23.59 -13.53 -27.80
N ALA E 194 24.47 -12.55 -27.62
CA ALA E 194 24.40 -11.29 -28.35
C ALA E 194 24.69 -11.48 -29.82
N LYS F 1 -8.50 -40.17 5.09
CA LYS F 1 -7.72 -38.94 4.96
C LYS F 1 -7.69 -38.19 6.28
N SER F 2 -6.56 -37.57 6.58
CA SER F 2 -6.50 -36.78 7.79
C SER F 2 -7.36 -35.52 7.65
N ALA F 3 -7.79 -35.00 8.79
CA ALA F 3 -8.74 -33.91 8.82
C ALA F 3 -8.10 -32.70 9.44
N PHE F 4 -8.27 -31.53 8.81
CA PHE F 4 -7.93 -30.29 9.48
C PHE F 4 -8.87 -30.07 10.66
N TYR F 5 -8.34 -29.51 11.74
CA TYR F 5 -9.13 -29.21 12.93
C TYR F 5 -9.27 -27.69 13.06
N ILE F 6 -10.39 -27.24 13.63
CA ILE F 6 -10.58 -25.82 13.87
C ILE F 6 -10.64 -25.55 15.36
N LEU F 7 -10.24 -24.33 15.71
CA LEU F 7 -10.54 -23.82 17.03
C LEU F 7 -11.91 -23.16 17.01
N PRO F 8 -12.74 -23.42 18.01
CA PRO F 8 -14.09 -22.82 18.02
C PRO F 8 -14.07 -21.35 18.41
N SER F 9 -14.90 -20.56 17.74
CA SER F 9 -15.15 -19.19 18.14
C SER F 9 -16.07 -19.18 19.36
N ILE F 10 -15.96 -18.12 20.16
CA ILE F 10 -16.61 -18.06 21.47
C ILE F 10 -17.41 -16.76 21.58
N ILE F 11 -18.60 -16.85 22.18
CA ILE F 11 -19.46 -15.68 22.32
C ILE F 11 -18.79 -14.64 23.23
N SER F 12 -19.06 -13.38 22.94
CA SER F 12 -18.49 -12.27 23.70
C SER F 12 -19.35 -11.98 24.91
N ASN F 13 -18.81 -11.13 25.79
CA ASN F 13 -19.52 -10.66 26.96
C ASN F 13 -20.69 -9.79 26.51
N GLU F 14 -21.92 -10.29 26.67
CA GLU F 14 -23.10 -9.54 26.21
C GLU F 14 -23.50 -8.43 27.16
N LYS F 15 -23.24 -8.57 28.46
CA LYS F 15 -23.62 -7.54 29.42
C LYS F 15 -22.61 -6.38 29.44
C1 EDO G . -8.67 -4.09 -33.49
O1 EDO G . -9.14 -3.75 -32.18
C2 EDO G . -7.28 -3.48 -33.69
O2 EDO G . -7.14 -2.38 -32.79
C1 SIN H . -2.45 38.21 7.19
O1 SIN H . -2.31 39.29 7.80
O2 SIN H . -1.54 37.36 7.15
C2 SIN H . -3.77 37.90 6.50
C3 SIN H . -4.33 36.71 7.29
C4 SIN H . -5.61 36.11 6.76
O3 SIN H . -6.67 36.21 7.45
O4 SIN H . -5.59 35.51 5.66
C1 EDO I . -19.61 -13.61 -23.42
O1 EDO I . -19.95 -14.44 -22.28
C2 EDO I . -18.31 -12.86 -23.12
O2 EDO I . -17.22 -13.79 -22.98
C1 EDO J . -10.14 -29.77 18.36
O1 EDO J . -10.91 -28.93 19.23
C2 EDO J . -9.04 -28.93 17.74
O2 EDO J . -8.21 -28.41 18.78
C1 EDO K . 5.35 -24.47 22.24
O1 EDO K . 4.82 -25.72 22.75
C2 EDO K . 6.49 -24.79 21.27
O2 EDO K . 7.42 -23.69 21.29
C1 SIN L . 3.17 -19.35 29.26
O1 SIN L . 4.15 -18.64 29.57
O2 SIN L . 3.36 -20.27 28.42
C2 SIN L . 1.81 -19.12 29.86
C3 SIN L . 1.81 -19.34 31.38
C4 SIN L . 0.38 -19.43 31.88
O3 SIN L . -0.36 -18.42 31.85
O4 SIN L . -0.07 -20.51 32.33
#